data_7AY6
#
_entry.id   7AY6
#
_cell.length_a   64.838
_cell.length_b   98.660
_cell.length_c   120.239
_cell.angle_alpha   90.000
_cell.angle_beta   90.000
_cell.angle_gamma   90.000
#
_symmetry.space_group_name_H-M   'P 21 21 21'
#
loop_
_entity.id
_entity.type
_entity.pdbx_description
1 polymer "cAMP-specific 3',5'-cyclic phosphodiesterase 4D"
2 non-polymer 2-[(~{Z})-1-(3-cyclopentyloxy-4-methoxy-phenyl)ethylideneamino]oxy-1-[(2~{S},6~{S})-2,6-dimethylmorpholin-4-yl]ethanone
3 non-polymer 'ZINC ION'
4 non-polymer 'MAGNESIUM ION'
5 non-polymer 1,2-ETHANEDIOL
6 water water
#
_entity_poly.entity_id   1
_entity_poly.type   'polypeptide(L)'
_entity_poly.pdbx_seq_one_letter_code
;MSIPRFGVKTEQEDVLAKELEDVNKWGLHVFRIAELSGNRPLTVIMHTIFQERDLLKTFKIPVDTLITYLMTLEDHYHAD
VAYHNNIHAADVVQSTHVLLSTPALEAVFTDLEILAAIFASAIHDVDHPGVSNQFLINTNSELALMYNDSSVLENHHLAV
GFKLLQEENCDIFQNLTKKQRQSLRKMVIDIVLATDMSKHMNLLADLKTMVETKKVTSSGVLLLDNYSDRIQVLQNMVHC
ADLSNPTKPLQLYRQWTDRIMEEFFRQGDRERERGMEISPMCDKHNASVEKSQVGFIDYIVHPLWETWADLVHPDAQDIL
DTLEDNREWYQSTIPQAHHHHHH
;
_entity_poly.pdbx_strand_id   A,B
#
loop_
_chem_comp.id
_chem_comp.type
_chem_comp.name
_chem_comp.formula
EDO non-polymer 1,2-ETHANEDIOL 'C2 H6 O2'
MG non-polymer 'MAGNESIUM ION' 'Mg 2'
S8Q non-polymer 2-[(~{Z})-1-(3-cyclopentyloxy-4-methoxy-phenyl)ethylideneamino]oxy-1-[(2~{S},6~{S})-2,6-dimethylmorpholin-4-yl]ethanone 'C22 H32 N2 O5'
ZN non-polymer 'ZINC ION' 'Zn 2'
#
# COMPACT_ATOMS: atom_id res chain seq x y z
N PRO A 4 -33.31 14.86 -16.23
CA PRO A 4 -33.36 14.19 -17.53
C PRO A 4 -33.49 12.67 -17.42
N ARG A 5 -34.09 12.07 -18.45
CA ARG A 5 -34.50 10.67 -18.41
C ARG A 5 -33.34 9.75 -18.00
N PHE A 6 -32.16 9.96 -18.57
CA PHE A 6 -31.05 9.05 -18.39
C PHE A 6 -29.90 9.64 -17.58
N GLY A 7 -30.13 10.75 -16.89
CA GLY A 7 -29.08 11.38 -16.11
C GLY A 7 -28.30 12.47 -16.84
N VAL A 8 -28.32 12.48 -18.18
CA VAL A 8 -27.72 13.57 -18.95
C VAL A 8 -28.71 13.95 -20.05
N LYS A 9 -28.46 15.10 -20.65
CA LYS A 9 -29.22 15.51 -21.83
C LYS A 9 -28.64 14.86 -23.09
N THR A 10 -29.52 14.39 -23.96
CA THR A 10 -29.14 13.72 -25.19
C THR A 10 -30.00 14.19 -26.35
N GLU A 11 -29.37 14.25 -27.53
CA GLU A 11 -30.03 14.73 -28.75
C GLU A 11 -31.12 13.78 -29.24
N GLN A 12 -31.14 12.53 -28.79
CA GLN A 12 -32.41 11.79 -28.75
C GLN A 12 -32.34 10.68 -27.73
N GLU A 13 -33.19 10.77 -26.72
CA GLU A 13 -33.34 9.72 -25.73
C GLU A 13 -33.88 8.43 -26.34
N ASP A 14 -34.56 8.51 -27.48
CA ASP A 14 -35.18 7.31 -28.03
C ASP A 14 -34.13 6.35 -28.57
N VAL A 15 -33.09 6.89 -29.22
CA VAL A 15 -32.02 6.00 -29.65
C VAL A 15 -31.21 5.52 -28.45
N LEU A 16 -30.98 6.42 -27.49
CA LEU A 16 -30.21 6.06 -26.30
C LEU A 16 -30.95 5.02 -25.45
N ALA A 17 -32.29 5.12 -25.39
CA ALA A 17 -33.08 4.13 -24.64
C ALA A 17 -32.97 2.75 -25.25
N LYS A 18 -33.11 2.64 -26.57
CA LYS A 18 -33.00 1.31 -27.16
C LYS A 18 -31.63 0.71 -26.96
N GLU A 19 -30.58 1.55 -26.89
CA GLU A 19 -29.27 1.00 -26.58
C GLU A 19 -29.18 0.61 -25.11
N LEU A 20 -29.76 1.41 -24.21
CA LEU A 20 -29.65 1.07 -22.79
C LEU A 20 -30.49 -0.14 -22.41
N GLU A 21 -31.39 -0.60 -23.30
CA GLU A 21 -32.04 -1.88 -23.07
C GLU A 21 -31.07 -3.04 -23.03
N ASP A 22 -29.85 -2.85 -23.49
CA ASP A 22 -28.85 -3.89 -23.44
C ASP A 22 -27.97 -3.79 -22.18
N VAL A 23 -28.31 -2.93 -21.23
CA VAL A 23 -27.41 -2.75 -20.09
C VAL A 23 -27.24 -4.05 -19.30
N ASN A 24 -28.18 -5.00 -19.44
CA ASN A 24 -28.10 -6.28 -18.75
CA ASN A 24 -28.06 -6.27 -18.73
C ASN A 24 -27.44 -7.35 -19.60
N LYS A 25 -26.91 -6.99 -20.76
CA LYS A 25 -26.33 -7.95 -21.70
C LYS A 25 -24.84 -7.71 -21.84
N TRP A 26 -24.09 -8.80 -21.95
CA TRP A 26 -22.71 -8.74 -22.36
C TRP A 26 -22.63 -8.14 -23.77
N GLY A 27 -21.71 -7.22 -24.00
CA GLY A 27 -21.77 -6.70 -25.36
C GLY A 27 -22.77 -5.57 -25.61
N LEU A 28 -23.31 -4.95 -24.57
CA LEU A 28 -23.81 -3.58 -24.69
C LEU A 28 -22.87 -2.76 -25.58
N HIS A 29 -23.44 -1.91 -26.44
CA HIS A 29 -22.63 -1.10 -27.38
C HIS A 29 -22.16 0.17 -26.68
N VAL A 30 -21.07 0.04 -25.90
CA VAL A 30 -20.71 1.14 -25.00
C VAL A 30 -20.20 2.37 -25.76
N PHE A 31 -19.63 2.17 -26.95
CA PHE A 31 -19.17 3.33 -27.70
C PHE A 31 -20.34 4.11 -28.29
N ARG A 32 -21.39 3.41 -28.76
CA ARG A 32 -22.62 4.14 -29.11
C ARG A 32 -23.18 4.90 -27.96
N ILE A 33 -23.24 4.29 -26.76
CA ILE A 33 -23.76 5.01 -25.61
C ILE A 33 -22.96 6.29 -25.37
N ALA A 34 -21.64 6.20 -25.51
CA ALA A 34 -20.80 7.39 -25.30
C ALA A 34 -21.17 8.49 -26.27
N GLU A 35 -21.34 8.13 -27.54
CA GLU A 35 -21.74 9.09 -28.56
C GLU A 35 -23.15 9.64 -28.28
N LEU A 36 -24.14 8.75 -28.15
CA LEU A 36 -25.52 9.16 -27.92
C LEU A 36 -25.68 9.98 -26.63
N SER A 37 -24.74 9.90 -25.68
CA SER A 37 -24.92 10.59 -24.42
C SER A 37 -24.07 11.85 -24.31
N GLY A 38 -23.47 12.29 -25.41
CA GLY A 38 -22.57 13.42 -25.32
C GLY A 38 -21.34 13.16 -24.47
N ASN A 39 -20.73 11.98 -24.65
CA ASN A 39 -19.55 11.54 -23.92
C ASN A 39 -19.78 11.52 -22.41
N ARG A 40 -20.96 11.09 -22.01
CA ARG A 40 -21.23 10.80 -20.60
C ARG A 40 -21.63 9.34 -20.37
N PRO A 41 -20.90 8.36 -20.93
CA PRO A 41 -21.31 6.97 -20.75
C PRO A 41 -21.25 6.52 -19.31
N LEU A 42 -20.23 6.95 -18.55
CA LEU A 42 -20.16 6.52 -17.15
C LEU A 42 -21.36 7.04 -16.35
N THR A 43 -21.71 8.33 -16.52
CA THR A 43 -22.88 8.86 -15.80
C THR A 43 -24.16 8.14 -16.22
N VAL A 44 -24.39 7.98 -17.52
CA VAL A 44 -25.62 7.36 -18.02
CA VAL A 44 -25.66 7.39 -17.92
C VAL A 44 -25.73 5.93 -17.50
N ILE A 45 -24.63 5.17 -17.61
CA ILE A 45 -24.74 3.75 -17.31
C ILE A 45 -24.87 3.52 -15.81
N MET A 46 -24.12 4.29 -15.01
CA MET A 46 -24.22 4.22 -13.55
C MET A 46 -25.60 4.64 -13.10
N HIS A 47 -26.15 5.70 -13.68
CA HIS A 47 -27.51 6.07 -13.27
C HIS A 47 -28.50 4.94 -13.56
N THR A 48 -28.39 4.34 -14.74
CA THR A 48 -29.29 3.26 -15.12
C THR A 48 -29.16 2.09 -14.18
N ILE A 49 -27.93 1.74 -13.83
CA ILE A 49 -27.74 0.59 -12.94
C ILE A 49 -28.29 0.88 -11.55
N PHE A 50 -28.04 2.10 -11.05
CA PHE A 50 -28.52 2.43 -9.71
C PHE A 50 -30.04 2.37 -9.65
N GLN A 51 -30.71 2.81 -10.72
CA GLN A 51 -32.17 2.72 -10.75
C GLN A 51 -32.62 1.25 -10.89
N GLU A 52 -32.08 0.51 -11.89
CA GLU A 52 -32.24 -0.96 -12.06
C GLU A 52 -32.21 -1.72 -10.76
N ARG A 53 -31.18 -1.50 -9.97
CA ARG A 53 -30.94 -2.25 -8.75
C ARG A 53 -31.60 -1.60 -7.53
N ASP A 54 -32.34 -0.51 -7.71
CA ASP A 54 -33.04 0.19 -6.62
C ASP A 54 -32.08 0.67 -5.53
N LEU A 55 -30.86 1.01 -5.91
CA LEU A 55 -29.86 1.36 -4.93
C LEU A 55 -30.08 2.75 -4.33
N LEU A 56 -30.75 3.68 -5.06
CA LEU A 56 -31.04 4.98 -4.47
CA LEU A 56 -31.02 4.97 -4.46
C LEU A 56 -31.99 4.84 -3.29
N LYS A 57 -32.99 3.97 -3.42
CA LYS A 57 -33.92 3.85 -2.32
C LYS A 57 -33.30 3.05 -1.18
N THR A 58 -32.54 1.99 -1.49
CA THR A 58 -31.94 1.19 -0.41
C THR A 58 -31.02 2.02 0.46
N PHE A 59 -30.21 2.88 -0.16
CA PHE A 59 -29.21 3.63 0.57
C PHE A 59 -29.56 5.11 0.67
N LYS A 60 -30.80 5.50 0.37
CA LYS A 60 -31.28 6.88 0.53
C LYS A 60 -30.28 7.83 -0.11
N ILE A 61 -29.98 7.54 -1.36
CA ILE A 61 -29.09 8.37 -2.18
C ILE A 61 -29.95 9.34 -2.97
N PRO A 62 -29.87 10.65 -2.71
CA PRO A 62 -30.61 11.61 -3.55
C PRO A 62 -30.11 11.57 -4.97
N VAL A 63 -31.03 11.61 -5.94
CA VAL A 63 -30.62 11.38 -7.32
C VAL A 63 -29.76 12.54 -7.81
N ASP A 64 -30.01 13.77 -7.32
CA ASP A 64 -29.18 14.89 -7.75
C ASP A 64 -27.76 14.75 -7.20
N THR A 65 -27.62 14.16 -6.01
CA THR A 65 -26.28 13.88 -5.48
C THR A 65 -25.58 12.79 -6.29
N LEU A 66 -26.31 11.76 -6.67
CA LEU A 66 -25.72 10.73 -7.52
C LEU A 66 -25.26 11.31 -8.85
N ILE A 67 -26.11 12.10 -9.52
CA ILE A 67 -25.71 12.66 -10.80
C ILE A 67 -24.53 13.65 -10.64
N THR A 68 -24.55 14.47 -9.58
CA THR A 68 -23.44 15.40 -9.39
C THR A 68 -22.14 14.65 -9.15
N TYR A 69 -22.18 13.58 -8.34
CA TYR A 69 -20.95 12.82 -8.14
C TYR A 69 -20.47 12.16 -9.43
N LEU A 70 -21.39 11.59 -10.21
CA LEU A 70 -20.99 10.86 -11.39
C LEU A 70 -20.42 11.83 -12.42
N MET A 71 -21.05 12.99 -12.57
CA MET A 71 -20.51 14.02 -13.45
C MET A 71 -19.08 14.37 -13.09
N THR A 72 -18.85 14.64 -11.80
CA THR A 72 -17.53 15.02 -11.33
C THR A 72 -16.52 13.89 -11.51
N LEU A 73 -16.91 12.67 -11.13
CA LEU A 73 -16.04 11.49 -11.35
C LEU A 73 -15.69 11.34 -12.83
N GLU A 74 -16.71 11.39 -13.70
CA GLU A 74 -16.50 11.27 -15.15
C GLU A 74 -15.53 12.34 -15.66
N ASP A 75 -15.62 13.55 -15.10
CA ASP A 75 -14.76 14.65 -15.53
C ASP A 75 -13.31 14.41 -15.15
N HIS A 76 -13.05 13.51 -14.20
CA HIS A 76 -11.69 13.24 -13.78
C HIS A 76 -11.08 12.05 -14.48
N TYR A 77 -11.80 11.42 -15.43
CA TYR A 77 -11.18 10.55 -16.40
C TYR A 77 -10.71 11.43 -17.56
N HIS A 78 -9.48 11.20 -18.00
CA HIS A 78 -8.87 12.10 -18.98
C HIS A 78 -9.44 11.87 -20.37
N ALA A 79 -9.95 12.93 -21.00
CA ALA A 79 -10.51 12.79 -22.34
C ALA A 79 -9.47 12.50 -23.41
N ASP A 80 -8.20 12.86 -23.20
CA ASP A 80 -7.14 12.63 -24.20
C ASP A 80 -6.32 11.37 -23.97
N VAL A 81 -6.79 10.47 -23.13
CA VAL A 81 -6.17 9.16 -22.97
C VAL A 81 -7.03 8.18 -23.78
N ALA A 82 -6.39 7.37 -24.67
CA ALA A 82 -7.20 6.61 -25.66
C ALA A 82 -7.94 5.43 -25.05
N TYR A 83 -7.38 4.78 -24.04
CA TYR A 83 -8.04 3.61 -23.48
C TYR A 83 -8.56 3.88 -22.08
N HIS A 84 -7.71 4.39 -21.19
CA HIS A 84 -8.08 4.48 -19.76
C HIS A 84 -8.86 5.76 -19.50
N ASN A 85 -10.03 5.83 -20.11
CA ASN A 85 -10.90 7.01 -20.07
C ASN A 85 -12.27 6.61 -19.51
N ASN A 86 -13.21 7.56 -19.56
CA ASN A 86 -14.54 7.35 -19.01
C ASN A 86 -15.30 6.23 -19.73
N ILE A 87 -14.99 5.94 -21.01
CA ILE A 87 -15.64 4.80 -21.69
C ILE A 87 -15.18 3.47 -21.10
N HIS A 88 -13.89 3.33 -20.79
CA HIS A 88 -13.41 2.12 -20.14
C HIS A 88 -14.06 1.95 -18.75
N ALA A 89 -14.13 3.03 -17.97
CA ALA A 89 -14.79 2.97 -16.67
C ALA A 89 -16.24 2.51 -16.83
N ALA A 90 -16.97 3.11 -17.79
CA ALA A 90 -18.36 2.70 -18.03
C ALA A 90 -18.44 1.24 -18.41
N ASP A 91 -17.50 0.75 -19.22
CA ASP A 91 -17.48 -0.63 -19.65
C ASP A 91 -17.27 -1.55 -18.47
N VAL A 92 -16.30 -1.22 -17.60
CA VAL A 92 -16.04 -2.11 -16.47
C VAL A 92 -17.23 -2.12 -15.50
N VAL A 93 -17.82 -0.95 -15.22
CA VAL A 93 -19.07 -0.89 -14.43
C VAL A 93 -20.11 -1.85 -15.02
N GLN A 94 -20.43 -1.66 -16.30
CA GLN A 94 -21.51 -2.42 -16.91
C GLN A 94 -21.19 -3.90 -16.95
N SER A 95 -19.91 -4.25 -17.12
CA SER A 95 -19.57 -5.67 -17.16
C SER A 95 -19.69 -6.28 -15.77
N THR A 96 -19.22 -5.57 -14.73
CA THR A 96 -19.44 -6.00 -13.35
C THR A 96 -20.92 -6.16 -13.06
N HIS A 97 -21.75 -5.25 -13.57
CA HIS A 97 -23.19 -5.36 -13.35
C HIS A 97 -23.77 -6.62 -13.98
N VAL A 98 -23.28 -7.02 -15.16
CA VAL A 98 -23.75 -8.29 -15.73
C VAL A 98 -23.22 -9.49 -14.94
N LEU A 99 -21.93 -9.48 -14.59
CA LEU A 99 -21.38 -10.59 -13.81
C LEU A 99 -22.08 -10.78 -12.47
N LEU A 100 -22.50 -9.71 -11.83
CA LEU A 100 -23.17 -9.84 -10.53
C LEU A 100 -24.51 -10.56 -10.66
N SER A 101 -25.12 -10.50 -11.83
CA SER A 101 -26.43 -11.09 -12.04
C SER A 101 -26.33 -12.53 -12.49
N THR A 102 -25.15 -13.11 -12.51
CA THR A 102 -25.00 -14.44 -13.07
C THR A 102 -25.74 -15.43 -12.17
N PRO A 103 -26.43 -16.43 -12.74
CA PRO A 103 -27.25 -17.32 -11.89
C PRO A 103 -26.50 -17.95 -10.74
N ALA A 104 -25.23 -18.30 -10.90
CA ALA A 104 -24.53 -18.95 -9.79
C ALA A 104 -24.32 -18.01 -8.61
N LEU A 105 -24.59 -16.72 -8.75
CA LEU A 105 -24.40 -15.78 -7.64
C LEU A 105 -25.73 -15.26 -7.09
N GLU A 106 -26.85 -15.86 -7.49
CA GLU A 106 -28.15 -15.38 -7.06
C GLU A 106 -28.23 -15.32 -5.54
N ALA A 107 -28.58 -14.14 -5.02
CA ALA A 107 -28.74 -13.86 -3.59
C ALA A 107 -27.48 -14.15 -2.76
N VAL A 108 -26.29 -14.16 -3.38
CA VAL A 108 -25.08 -14.37 -2.60
C VAL A 108 -24.63 -13.08 -1.91
N PHE A 109 -24.71 -11.95 -2.61
CA PHE A 109 -24.14 -10.70 -2.09
C PHE A 109 -25.21 -9.79 -1.51
N THR A 110 -24.85 -9.07 -0.45
CA THR A 110 -25.71 -8.03 0.08
C THR A 110 -25.75 -6.80 -0.83
N ASP A 111 -26.74 -5.94 -0.57
CA ASP A 111 -26.85 -4.70 -1.34
C ASP A 111 -25.61 -3.84 -1.15
N LEU A 112 -25.01 -3.83 0.05
CA LEU A 112 -23.78 -3.06 0.29
C LEU A 112 -22.60 -3.64 -0.47
N GLU A 113 -22.52 -4.97 -0.57
CA GLU A 113 -21.46 -5.58 -1.38
C GLU A 113 -21.64 -5.26 -2.87
N ILE A 114 -22.88 -5.28 -3.36
CA ILE A 114 -23.17 -4.89 -4.75
C ILE A 114 -22.77 -3.43 -4.98
N LEU A 115 -23.18 -2.54 -4.09
CA LEU A 115 -22.79 -1.13 -4.18
C LEU A 115 -21.26 -0.96 -4.19
N ALA A 116 -20.56 -1.72 -3.35
CA ALA A 116 -19.08 -1.62 -3.32
C ALA A 116 -18.46 -2.05 -4.65
N ALA A 117 -18.92 -3.19 -5.22
CA ALA A 117 -18.38 -3.69 -6.49
C ALA A 117 -18.65 -2.67 -7.60
N ILE A 118 -19.84 -2.10 -7.60
CA ILE A 118 -20.17 -1.20 -8.71
C ILE A 118 -19.43 0.13 -8.56
N PHE A 119 -19.37 0.64 -7.31
CA PHE A 119 -18.60 1.86 -7.07
C PHE A 119 -17.12 1.66 -7.34
N ALA A 120 -16.58 0.54 -6.92
CA ALA A 120 -15.16 0.26 -7.20
C ALA A 120 -14.91 0.24 -8.71
N SER A 121 -15.81 -0.41 -9.48
CA SER A 121 -15.63 -0.44 -10.93
C SER A 121 -15.62 0.97 -11.50
N ALA A 122 -16.48 1.86 -11.02
CA ALA A 122 -16.60 3.21 -11.58
C ALA A 122 -15.36 4.05 -11.33
N ILE A 123 -14.75 3.88 -10.17
CA ILE A 123 -13.58 4.71 -9.81
C ILE A 123 -12.25 4.05 -10.16
N HIS A 124 -12.27 2.83 -10.67
CA HIS A 124 -11.06 2.02 -10.52
C HIS A 124 -9.89 2.49 -11.36
N ASP A 125 -10.11 3.32 -12.38
CA ASP A 125 -9.01 3.93 -13.14
C ASP A 125 -9.08 5.47 -13.15
N VAL A 126 -9.75 6.13 -12.19
CA VAL A 126 -9.95 7.56 -12.34
C VAL A 126 -8.62 8.32 -12.29
N ASP A 127 -8.53 9.39 -13.10
CA ASP A 127 -7.30 10.23 -13.20
C ASP A 127 -6.10 9.42 -13.71
N HIS A 128 -6.38 8.40 -14.49
CA HIS A 128 -5.32 7.61 -15.10
C HIS A 128 -4.57 8.46 -16.11
N PRO A 129 -3.25 8.55 -16.04
CA PRO A 129 -2.51 9.42 -16.95
C PRO A 129 -2.16 8.76 -18.28
N GLY A 130 -2.50 7.49 -18.49
CA GLY A 130 -2.16 6.88 -19.77
C GLY A 130 -0.77 6.28 -19.85
N VAL A 131 -0.07 6.14 -18.74
CA VAL A 131 1.20 5.43 -18.66
C VAL A 131 1.13 4.44 -17.50
N SER A 132 1.98 3.43 -17.56
CA SER A 132 1.97 2.29 -16.66
C SER A 132 2.61 2.63 -15.31
N ASN A 133 2.33 1.78 -14.29
CA ASN A 133 3.05 1.91 -13.02
C ASN A 133 4.57 1.94 -13.24
N GLN A 134 5.08 1.03 -14.07
CA GLN A 134 6.54 0.93 -14.23
C GLN A 134 7.12 2.20 -14.88
N PHE A 135 6.39 2.80 -15.80
CA PHE A 135 6.82 4.07 -16.35
C PHE A 135 6.88 5.14 -15.25
N LEU A 136 5.87 5.18 -14.37
CA LEU A 136 5.89 6.17 -13.28
C LEU A 136 7.05 5.93 -12.33
N ILE A 137 7.38 4.67 -12.07
CA ILE A 137 8.53 4.37 -11.23
C ILE A 137 9.83 4.78 -11.92
N ASN A 138 9.99 4.36 -13.17
CA ASN A 138 11.23 4.58 -13.94
C ASN A 138 11.56 6.04 -14.15
N THR A 139 10.56 6.92 -14.17
CA THR A 139 10.72 8.34 -14.38
C THR A 139 10.69 9.15 -13.07
N ASN A 140 10.74 8.47 -11.90
CA ASN A 140 10.82 9.17 -10.61
C ASN A 140 9.65 10.14 -10.44
N SER A 141 8.46 9.71 -10.86
CA SER A 141 7.29 10.57 -10.80
C SER A 141 6.92 10.86 -9.36
N GLU A 142 6.28 12.00 -9.15
CA GLU A 142 5.75 12.32 -7.82
C GLU A 142 4.80 11.24 -7.32
N LEU A 143 3.96 10.67 -8.21
CA LEU A 143 3.05 9.63 -7.74
C LEU A 143 3.82 8.42 -7.21
N ALA A 144 4.92 8.07 -7.87
CA ALA A 144 5.65 6.89 -7.41
C ALA A 144 6.39 7.19 -6.12
N LEU A 145 6.77 8.44 -5.94
CA LEU A 145 7.37 8.89 -4.69
C LEU A 145 6.35 8.85 -3.56
N MET A 146 5.15 9.37 -3.81
CA MET A 146 4.06 9.32 -2.83
CA MET A 146 4.07 9.32 -2.83
C MET A 146 3.76 7.90 -2.38
N TYR A 147 3.72 6.93 -3.32
CA TYR A 147 3.22 5.61 -3.02
C TYR A 147 4.31 4.55 -2.92
N ASN A 148 5.60 4.97 -2.88
CA ASN A 148 6.68 4.02 -2.58
C ASN A 148 6.73 2.87 -3.59
N ASP A 149 6.50 3.22 -4.87
CA ASP A 149 6.58 2.30 -6.00
C ASP A 149 5.62 1.13 -5.94
N SER A 150 4.64 1.10 -5.02
CA SER A 150 3.75 -0.05 -4.85
CA SER A 150 3.76 -0.04 -4.84
C SER A 150 2.32 0.33 -5.20
N SER A 151 1.75 -0.39 -6.17
CA SER A 151 0.39 -0.15 -6.66
C SER A 151 0.14 1.35 -6.82
N VAL A 152 1.08 2.01 -7.50
CA VAL A 152 1.09 3.47 -7.52
C VAL A 152 -0.22 4.00 -8.08
N LEU A 153 -0.61 3.55 -9.29
CA LEU A 153 -1.84 4.06 -9.90
C LEU A 153 -3.09 3.65 -9.10
N GLU A 154 -3.14 2.39 -8.66
CA GLU A 154 -4.36 1.89 -8.01
C GLU A 154 -4.58 2.59 -6.66
N ASN A 155 -3.52 2.88 -5.91
CA ASN A 155 -3.69 3.72 -4.71
C ASN A 155 -4.21 5.11 -5.05
N HIS A 156 -3.73 5.67 -6.14
CA HIS A 156 -4.17 6.99 -6.58
C HIS A 156 -5.63 6.98 -7.03
N HIS A 157 -6.04 5.97 -7.81
CA HIS A 157 -7.43 5.96 -8.27
C HIS A 157 -8.38 5.94 -7.07
N LEU A 158 -8.03 5.13 -6.08
CA LEU A 158 -8.82 5.06 -4.85
C LEU A 158 -8.86 6.42 -4.18
N ALA A 159 -7.68 7.03 -3.99
CA ALA A 159 -7.66 8.31 -3.27
C ALA A 159 -8.53 9.36 -3.95
N VAL A 160 -8.45 9.44 -5.26
CA VAL A 160 -9.24 10.42 -6.00
C VAL A 160 -10.72 10.08 -5.92
N GLY A 161 -11.07 8.81 -6.15
CA GLY A 161 -12.49 8.46 -6.15
C GLY A 161 -13.16 8.80 -4.83
N PHE A 162 -12.47 8.53 -3.72
CA PHE A 162 -13.00 8.87 -2.40
C PHE A 162 -12.98 10.37 -2.13
N LYS A 163 -11.95 11.07 -2.58
CA LYS A 163 -11.87 12.51 -2.32
C LYS A 163 -13.01 13.25 -3.01
N LEU A 164 -13.42 12.79 -4.19
CA LEU A 164 -14.51 13.46 -4.91
C LEU A 164 -15.83 13.38 -4.16
N LEU A 165 -15.99 12.42 -3.26
CA LEU A 165 -17.19 12.42 -2.44
C LEU A 165 -17.33 13.70 -1.62
N GLN A 166 -16.24 14.41 -1.38
CA GLN A 166 -16.24 15.59 -0.52
C GLN A 166 -16.61 16.87 -1.25
N GLU A 167 -16.80 16.83 -2.55
CA GLU A 167 -17.18 18.04 -3.27
C GLU A 167 -18.65 18.36 -3.02
N GLU A 168 -19.04 19.61 -3.29
CA GLU A 168 -20.38 20.07 -2.98
C GLU A 168 -21.44 19.15 -3.59
N ASN A 169 -22.30 18.61 -2.73
CA ASN A 169 -23.43 17.80 -3.15
C ASN A 169 -23.00 16.53 -3.89
N CYS A 170 -21.89 15.92 -3.45
CA CYS A 170 -21.35 14.73 -4.10
C CYS A 170 -21.33 13.51 -3.18
N ASP A 171 -21.77 13.63 -1.94
CA ASP A 171 -21.55 12.51 -1.03
C ASP A 171 -22.69 11.51 -1.15
N ILE A 172 -22.52 10.57 -2.09
CA ILE A 172 -23.54 9.58 -2.33
C ILE A 172 -23.67 8.61 -1.16
N PHE A 173 -22.72 8.57 -0.22
CA PHE A 173 -22.82 7.64 0.90
C PHE A 173 -23.28 8.32 2.18
N GLN A 174 -23.79 9.55 2.08
CA GLN A 174 -24.10 10.34 3.28
C GLN A 174 -25.13 9.68 4.19
N ASN A 175 -25.99 8.80 3.66
CA ASN A 175 -27.03 8.17 4.50
C ASN A 175 -26.72 6.70 4.83
N LEU A 176 -25.53 6.23 4.52
CA LEU A 176 -25.05 4.97 5.09
C LEU A 176 -24.77 5.19 6.59
N THR A 177 -24.90 4.11 7.39
CA THR A 177 -24.42 4.18 8.75
C THR A 177 -22.89 4.23 8.76
N LYS A 178 -22.35 4.62 9.91
CA LYS A 178 -20.90 4.71 10.00
C LYS A 178 -20.23 3.35 9.79
N LYS A 179 -20.86 2.23 10.21
CA LYS A 179 -20.16 0.99 10.01
C LYS A 179 -20.42 0.48 8.59
N GLN A 180 -21.58 0.83 7.96
CA GLN A 180 -21.73 0.57 6.53
C GLN A 180 -20.67 1.31 5.73
N ARG A 181 -20.44 2.59 6.06
CA ARG A 181 -19.39 3.35 5.37
CA ARG A 181 -19.40 3.36 5.39
C ARG A 181 -18.04 2.68 5.54
N GLN A 182 -17.70 2.28 6.77
CA GLN A 182 -16.43 1.62 7.02
C GLN A 182 -16.30 0.34 6.22
N SER A 183 -17.37 -0.47 6.19
CA SER A 183 -17.29 -1.75 5.47
CA SER A 183 -17.31 -1.74 5.47
C SER A 183 -17.14 -1.51 3.97
N LEU A 184 -17.97 -0.64 3.42
CA LEU A 184 -17.88 -0.33 2.00
C LEU A 184 -16.51 0.21 1.64
N ARG A 185 -15.97 1.13 2.45
CA ARG A 185 -14.64 1.66 2.18
C ARG A 185 -13.61 0.54 2.08
N LYS A 186 -13.61 -0.37 3.04
CA LYS A 186 -12.64 -1.47 3.02
C LYS A 186 -12.80 -2.37 1.81
N MET A 187 -14.05 -2.71 1.44
CA MET A 187 -14.26 -3.57 0.26
C MET A 187 -13.83 -2.86 -1.01
N VAL A 188 -14.11 -1.57 -1.12
CA VAL A 188 -13.73 -0.85 -2.33
C VAL A 188 -12.21 -0.78 -2.47
N ILE A 189 -11.49 -0.53 -1.36
CA ILE A 189 -10.04 -0.52 -1.39
C ILE A 189 -9.52 -1.92 -1.79
N ASP A 190 -10.10 -2.97 -1.16
CA ASP A 190 -9.64 -4.32 -1.48
C ASP A 190 -9.86 -4.64 -2.95
N ILE A 191 -10.96 -4.18 -3.54
CA ILE A 191 -11.27 -4.48 -4.94
C ILE A 191 -10.34 -3.70 -5.86
N VAL A 192 -10.21 -2.38 -5.64
CA VAL A 192 -9.41 -1.61 -6.63
C VAL A 192 -7.92 -1.97 -6.53
N LEU A 193 -7.41 -2.26 -5.33
CA LEU A 193 -6.00 -2.67 -5.27
C LEU A 193 -5.76 -3.98 -6.03
N ALA A 194 -6.77 -4.87 -6.09
CA ALA A 194 -6.65 -6.10 -6.85
C ALA A 194 -6.65 -5.91 -8.36
N THR A 195 -6.92 -4.70 -8.86
CA THR A 195 -6.85 -4.50 -10.31
C THR A 195 -5.42 -4.21 -10.75
N ASP A 196 -4.47 -4.11 -9.81
CA ASP A 196 -3.04 -3.97 -10.17
C ASP A 196 -2.57 -5.23 -10.91
N MET A 197 -2.14 -5.07 -12.17
CA MET A 197 -1.81 -6.25 -12.95
C MET A 197 -0.61 -7.02 -12.40
N SER A 198 0.24 -6.38 -11.60
CA SER A 198 1.30 -7.14 -10.96
C SER A 198 0.76 -8.13 -9.94
N LYS A 199 -0.52 -8.06 -9.61
CA LYS A 199 -1.07 -9.02 -8.68
C LYS A 199 -1.84 -10.13 -9.37
N HIS A 200 -1.84 -10.14 -10.71
CA HIS A 200 -2.70 -11.02 -11.46
C HIS A 200 -2.37 -12.49 -11.19
N MET A 201 -1.08 -12.85 -11.20
CA MET A 201 -0.75 -14.26 -11.08
C MET A 201 -1.11 -14.80 -9.70
N ASN A 202 -0.84 -14.02 -8.65
CA ASN A 202 -1.25 -14.43 -7.30
C ASN A 202 -2.75 -14.50 -7.17
N LEU A 203 -3.45 -13.50 -7.72
CA LEU A 203 -4.90 -13.49 -7.60
C LEU A 203 -5.51 -14.72 -8.28
N LEU A 204 -5.03 -15.05 -9.48
CA LEU A 204 -5.54 -16.20 -10.23
C LEU A 204 -5.23 -17.51 -9.51
N ALA A 205 -4.00 -17.64 -8.99
CA ALA A 205 -3.64 -18.86 -8.27
C ALA A 205 -4.58 -19.10 -7.10
N ASP A 206 -4.90 -18.05 -6.32
CA ASP A 206 -5.87 -18.19 -5.23
C ASP A 206 -7.27 -18.46 -5.74
N LEU A 207 -7.64 -17.87 -6.89
CA LEU A 207 -8.94 -18.19 -7.45
C LEU A 207 -9.03 -19.67 -7.84
N LYS A 208 -7.95 -20.22 -8.38
CA LYS A 208 -7.97 -21.64 -8.75
C LYS A 208 -8.16 -22.51 -7.52
N THR A 209 -7.52 -22.12 -6.41
CA THR A 209 -7.72 -22.80 -5.14
C THR A 209 -9.16 -22.71 -4.66
N MET A 210 -9.80 -21.55 -4.81
CA MET A 210 -11.20 -21.47 -4.42
C MET A 210 -12.09 -22.35 -5.30
N VAL A 211 -11.81 -22.39 -6.60
CA VAL A 211 -12.58 -23.23 -7.51
C VAL A 211 -12.44 -24.70 -7.15
N GLU A 212 -11.24 -25.12 -6.81
CA GLU A 212 -10.98 -26.52 -6.43
C GLU A 212 -11.83 -26.97 -5.26
N THR A 213 -12.09 -26.09 -4.32
CA THR A 213 -12.86 -26.47 -3.14
C THR A 213 -14.20 -25.76 -3.09
N LYS A 214 -14.75 -25.38 -4.25
CA LYS A 214 -15.99 -24.62 -4.23
C LYS A 214 -17.12 -25.43 -3.58
N LYS A 215 -17.99 -24.72 -2.88
CA LYS A 215 -19.22 -25.25 -2.28
C LYS A 215 -20.41 -24.65 -3.00
N VAL A 216 -21.35 -25.50 -3.38
CA VAL A 216 -22.49 -25.14 -4.20
C VAL A 216 -23.75 -25.79 -3.65
N THR A 217 -24.87 -25.07 -3.74
CA THR A 217 -26.19 -25.66 -3.44
C THR A 217 -26.53 -26.65 -4.56
N SER A 218 -27.74 -27.22 -4.49
CA SER A 218 -28.17 -28.14 -5.54
C SER A 218 -28.32 -27.46 -6.91
N SER A 219 -28.69 -26.18 -6.92
CA SER A 219 -28.98 -25.47 -8.16
C SER A 219 -27.78 -24.73 -8.72
N GLY A 220 -26.56 -24.99 -8.21
CA GLY A 220 -25.39 -24.32 -8.75
C GLY A 220 -24.99 -23.02 -8.06
N VAL A 221 -25.73 -22.59 -7.04
CA VAL A 221 -25.49 -21.31 -6.41
C VAL A 221 -24.35 -21.41 -5.40
N LEU A 222 -23.40 -20.48 -5.48
CA LEU A 222 -22.20 -20.56 -4.68
C LEU A 222 -22.54 -20.33 -3.22
N LEU A 223 -21.82 -21.01 -2.35
CA LEU A 223 -21.99 -20.84 -0.90
C LEU A 223 -20.70 -20.20 -0.40
N LEU A 224 -20.75 -18.90 -0.12
CA LEU A 224 -19.61 -18.17 0.44
C LEU A 224 -19.81 -18.00 1.93
N ASP A 225 -18.73 -18.21 2.69
CA ASP A 225 -18.85 -18.38 4.15
C ASP A 225 -18.53 -17.15 4.96
N ASN A 226 -17.72 -16.24 4.46
CA ASN A 226 -17.19 -15.16 5.29
C ASN A 226 -16.72 -14.05 4.39
N TYR A 227 -16.20 -13.00 5.02
CA TYR A 227 -15.66 -11.88 4.26
C TYR A 227 -14.58 -12.33 3.27
N SER A 228 -13.66 -13.20 3.71
CA SER A 228 -12.58 -13.63 2.82
CA SER A 228 -12.58 -13.60 2.82
C SER A 228 -13.11 -14.20 1.52
N ASP A 229 -14.11 -15.08 1.62
CA ASP A 229 -14.70 -15.68 0.42
C ASP A 229 -15.37 -14.62 -0.44
N ARG A 230 -16.17 -13.76 0.18
CA ARG A 230 -16.96 -12.79 -0.58
C ARG A 230 -16.06 -11.78 -1.28
N ILE A 231 -15.12 -11.22 -0.53
CA ILE A 231 -14.23 -10.23 -1.15
C ILE A 231 -13.36 -10.87 -2.24
N GLN A 232 -12.99 -12.15 -2.10
CA GLN A 232 -12.15 -12.73 -3.12
C GLN A 232 -12.93 -12.90 -4.43
N VAL A 233 -14.22 -13.26 -4.31
CA VAL A 233 -15.03 -13.38 -5.49
C VAL A 233 -15.26 -12.01 -6.12
N LEU A 234 -15.55 -11.00 -5.30
CA LEU A 234 -15.70 -9.64 -5.87
C LEU A 234 -14.41 -9.13 -6.51
N GLN A 235 -13.25 -9.34 -5.86
CA GLN A 235 -11.97 -8.93 -6.44
C GLN A 235 -11.77 -9.58 -7.80
N ASN A 236 -12.00 -10.89 -7.88
CA ASN A 236 -11.79 -11.55 -9.15
C ASN A 236 -12.82 -11.14 -10.18
N MET A 237 -14.05 -10.85 -9.74
CA MET A 237 -15.11 -10.42 -10.64
C MET A 237 -14.76 -9.10 -11.31
N VAL A 238 -14.32 -8.12 -10.53
CA VAL A 238 -13.98 -6.83 -11.14
C VAL A 238 -12.69 -6.97 -11.99
N HIS A 239 -11.74 -7.80 -11.57
CA HIS A 239 -10.54 -8.05 -12.39
C HIS A 239 -10.93 -8.67 -13.74
N CYS A 240 -11.88 -9.62 -13.73
CA CYS A 240 -12.38 -10.22 -14.97
C CYS A 240 -13.05 -9.14 -15.81
N ALA A 241 -13.83 -8.25 -15.16
CA ALA A 241 -14.49 -7.18 -15.92
C ALA A 241 -13.45 -6.26 -16.54
N ASP A 242 -12.38 -5.97 -15.81
CA ASP A 242 -11.30 -5.13 -16.34
C ASP A 242 -10.61 -5.80 -17.52
N LEU A 243 -10.50 -7.13 -17.47
CA LEU A 243 -9.89 -7.93 -18.53
C LEU A 243 -10.93 -8.58 -19.44
N SER A 244 -12.06 -7.91 -19.67
CA SER A 244 -13.13 -8.53 -20.44
C SER A 244 -13.12 -8.18 -21.92
N ASN A 245 -12.28 -7.24 -22.37
CA ASN A 245 -12.38 -6.80 -23.77
C ASN A 245 -12.35 -7.97 -24.75
N PRO A 246 -11.46 -8.94 -24.63
CA PRO A 246 -11.39 -10.00 -25.65
C PRO A 246 -12.53 -10.97 -25.61
N THR A 247 -13.39 -10.90 -24.60
CA THR A 247 -14.58 -11.77 -24.50
C THR A 247 -15.81 -11.11 -25.06
N LYS A 248 -15.69 -9.87 -25.54
CA LYS A 248 -16.85 -9.13 -26.00
C LYS A 248 -17.06 -9.43 -27.48
N PRO A 249 -18.24 -9.10 -28.00
CA PRO A 249 -18.43 -9.09 -29.47
C PRO A 249 -17.26 -8.45 -30.19
N LEU A 250 -16.87 -9.09 -31.28
CA LEU A 250 -15.59 -8.76 -31.91
C LEU A 250 -15.46 -7.29 -32.29
N GLN A 251 -16.55 -6.62 -32.73
CA GLN A 251 -16.39 -5.22 -33.14
C GLN A 251 -16.01 -4.35 -31.95
N LEU A 252 -16.56 -4.64 -30.78
CA LEU A 252 -16.11 -3.96 -29.56
C LEU A 252 -14.65 -4.24 -29.25
N TYR A 253 -14.29 -5.52 -29.24
CA TYR A 253 -12.91 -5.93 -28.98
C TYR A 253 -11.94 -5.25 -29.95
N ARG A 254 -12.32 -5.16 -31.22
CA ARG A 254 -11.40 -4.53 -32.17
C ARG A 254 -11.15 -3.08 -31.82
N GLN A 255 -12.18 -2.34 -31.39
CA GLN A 255 -11.97 -0.96 -31.02
C GLN A 255 -11.13 -0.87 -29.76
N TRP A 256 -11.37 -1.75 -28.79
CA TRP A 256 -10.56 -1.69 -27.56
C TRP A 256 -9.08 -1.96 -27.87
N THR A 257 -8.82 -2.85 -28.82
CA THR A 257 -7.43 -3.12 -29.19
C THR A 257 -6.81 -1.89 -29.81
N ASP A 258 -7.53 -1.27 -30.75
CA ASP A 258 -7.05 -0.03 -31.36
C ASP A 258 -6.70 1.01 -30.30
N ARG A 259 -7.55 1.12 -29.25
CA ARG A 259 -7.34 2.16 -28.24
C ARG A 259 -6.17 1.84 -27.32
N ILE A 260 -6.04 0.58 -26.85
CA ILE A 260 -4.91 0.29 -25.97
C ILE A 260 -3.60 0.44 -26.71
N MET A 261 -3.58 0.09 -28.00
CA MET A 261 -2.32 0.27 -28.75
C MET A 261 -1.98 1.73 -28.91
N GLU A 262 -2.99 2.57 -29.13
CA GLU A 262 -2.72 4.00 -29.26
C GLU A 262 -2.15 4.55 -27.97
N GLU A 263 -2.67 4.09 -26.84
CA GLU A 263 -2.14 4.54 -25.55
C GLU A 263 -0.75 3.99 -25.29
N PHE A 264 -0.52 2.72 -25.59
CA PHE A 264 0.79 2.13 -25.36
C PHE A 264 1.83 2.81 -26.23
N PHE A 265 1.47 3.07 -27.50
CA PHE A 265 2.44 3.69 -28.41
C PHE A 265 2.81 5.08 -27.95
N ARG A 266 1.85 5.81 -27.36
CA ARG A 266 2.19 7.16 -26.94
C ARG A 266 3.11 7.07 -25.72
N GLN A 267 2.96 6.06 -24.85
CA GLN A 267 3.95 5.85 -23.80
C GLN A 267 5.33 5.48 -24.36
N GLY A 268 5.37 4.62 -25.36
CA GLY A 268 6.67 4.25 -25.93
C GLY A 268 7.36 5.46 -26.57
N ASP A 269 6.58 6.39 -27.13
CA ASP A 269 7.15 7.61 -27.69
C ASP A 269 7.78 8.45 -26.59
N ARG A 270 7.16 8.47 -25.41
CA ARG A 270 7.74 9.20 -24.28
C ARG A 270 9.04 8.54 -23.83
N GLU A 271 9.04 7.21 -23.81
CA GLU A 271 10.25 6.48 -23.44
C GLU A 271 11.36 6.72 -24.45
N ARG A 272 11.01 6.66 -25.73
CA ARG A 272 12.02 6.84 -26.78
C ARG A 272 12.62 8.23 -26.71
N GLU A 273 11.78 9.24 -26.46
CA GLU A 273 12.22 10.63 -26.36
C GLU A 273 13.21 10.84 -25.22
N ARG A 274 13.10 10.06 -24.15
CA ARG A 274 13.98 10.21 -23.00
C ARG A 274 15.13 9.22 -23.03
N GLY A 275 15.35 8.54 -24.16
CA GLY A 275 16.46 7.61 -24.23
C GLY A 275 16.23 6.34 -23.45
N MET A 276 14.98 6.03 -23.11
CA MET A 276 14.65 4.93 -22.24
C MET A 276 14.42 3.68 -23.09
N GLU A 277 14.68 2.52 -22.50
CA GLU A 277 14.26 1.29 -23.16
C GLU A 277 12.74 1.32 -23.35
N ILE A 278 12.27 0.96 -24.53
CA ILE A 278 10.84 1.07 -24.77
C ILE A 278 10.17 -0.16 -24.18
N SER A 279 9.08 0.06 -23.44
CA SER A 279 8.44 -1.03 -22.73
C SER A 279 7.88 -2.02 -23.74
N PRO A 280 7.70 -3.27 -23.34
CA PRO A 280 7.16 -4.27 -24.28
C PRO A 280 5.79 -3.84 -24.80
N MET A 281 5.62 -3.98 -26.12
CA MET A 281 4.37 -3.69 -26.84
C MET A 281 4.11 -2.19 -26.94
N CYS A 282 5.07 -1.36 -26.55
CA CYS A 282 4.88 0.08 -26.73
C CYS A 282 5.67 0.70 -27.87
N ASP A 283 6.32 -0.09 -28.72
CA ASP A 283 7.12 0.48 -29.83
C ASP A 283 6.30 0.46 -31.09
N LYS A 284 5.78 1.62 -31.49
CA LYS A 284 5.00 1.68 -32.73
C LYS A 284 5.82 1.32 -33.96
N HIS A 285 7.14 1.37 -33.88
CA HIS A 285 7.97 1.03 -35.02
C HIS A 285 8.21 -0.47 -35.14
N ASN A 286 7.91 -1.25 -34.10
CA ASN A 286 8.23 -2.66 -34.04
C ASN A 286 7.14 -3.38 -33.26
N ALA A 287 5.93 -3.32 -33.78
CA ALA A 287 4.77 -3.83 -33.08
C ALA A 287 4.19 -4.99 -33.89
N SER A 288 3.61 -5.92 -33.18
CA SER A 288 2.87 -7.00 -33.82
C SER A 288 1.54 -7.10 -33.07
N VAL A 289 0.62 -6.18 -33.41
CA VAL A 289 -0.62 -6.01 -32.65
C VAL A 289 -1.41 -7.30 -32.56
N GLU A 290 -1.59 -7.98 -33.71
CA GLU A 290 -2.41 -9.20 -33.74
C GLU A 290 -1.74 -10.33 -32.96
N LYS A 291 -0.44 -10.54 -33.18
CA LYS A 291 0.26 -11.57 -32.44
C LYS A 291 0.21 -11.28 -30.93
N SER A 292 0.24 -10.00 -30.56
CA SER A 292 0.26 -9.63 -29.16
C SER A 292 -1.08 -9.89 -28.50
N GLN A 293 -2.17 -9.70 -29.23
CA GLN A 293 -3.49 -10.04 -28.70
C GLN A 293 -3.63 -11.54 -28.49
N VAL A 294 -3.10 -12.35 -29.41
CA VAL A 294 -3.16 -13.81 -29.21
C VAL A 294 -2.36 -14.21 -27.98
N GLY A 295 -1.16 -13.62 -27.81
CA GLY A 295 -0.40 -13.87 -26.59
C GLY A 295 -1.13 -13.46 -25.33
N PHE A 296 -1.74 -12.28 -25.34
CA PHE A 296 -2.52 -11.77 -24.20
C PHE A 296 -3.62 -12.75 -23.80
N ILE A 297 -4.35 -13.26 -24.80
CA ILE A 297 -5.41 -14.21 -24.53
C ILE A 297 -4.85 -15.54 -24.01
N ASP A 298 -3.82 -16.08 -24.68
CA ASP A 298 -3.28 -17.37 -24.26
C ASP A 298 -2.69 -17.33 -22.85
N TYR A 299 -2.02 -16.26 -22.50
CA TYR A 299 -1.28 -16.23 -21.23
C TYR A 299 -2.02 -15.54 -20.09
N ILE A 300 -2.92 -14.61 -20.37
CA ILE A 300 -3.59 -13.88 -19.29
C ILE A 300 -5.08 -14.12 -19.34
N VAL A 301 -5.73 -13.75 -20.45
CA VAL A 301 -7.18 -13.60 -20.43
C VAL A 301 -7.88 -14.97 -20.39
N HIS A 302 -7.45 -15.92 -21.25
CA HIS A 302 -8.12 -17.23 -21.23
C HIS A 302 -7.93 -17.97 -19.92
N PRO A 303 -6.71 -18.07 -19.36
CA PRO A 303 -6.56 -18.72 -18.04
C PRO A 303 -7.43 -18.11 -16.97
N LEU A 304 -7.59 -16.78 -16.97
CA LEU A 304 -8.47 -16.13 -16.00
C LEU A 304 -9.93 -16.50 -16.24
N TRP A 305 -10.41 -16.38 -17.47
CA TRP A 305 -11.82 -16.57 -17.73
C TRP A 305 -12.21 -18.05 -17.70
N GLU A 306 -11.30 -18.95 -18.03
CA GLU A 306 -11.62 -20.37 -17.86
C GLU A 306 -11.79 -20.72 -16.39
N THR A 307 -11.06 -20.05 -15.50
CA THR A 307 -11.22 -20.28 -14.08
C THR A 307 -12.50 -19.65 -13.55
N TRP A 308 -12.80 -18.41 -13.96
CA TRP A 308 -14.12 -17.85 -13.62
C TRP A 308 -15.24 -18.74 -14.14
N ALA A 309 -15.10 -19.22 -15.37
CA ALA A 309 -16.18 -20.02 -15.95
C ALA A 309 -16.39 -21.29 -15.13
N ASP A 310 -15.29 -21.80 -14.55
CA ASP A 310 -15.36 -22.97 -13.68
CA ASP A 310 -15.33 -22.96 -13.65
C ASP A 310 -16.17 -22.65 -12.42
N LEU A 311 -15.91 -21.49 -11.81
CA LEU A 311 -16.58 -21.07 -10.59
C LEU A 311 -18.08 -20.96 -10.79
N VAL A 312 -18.53 -20.44 -11.91
CA VAL A 312 -19.96 -20.17 -12.13
C VAL A 312 -20.57 -21.12 -13.16
N HIS A 313 -19.93 -22.25 -13.40
CA HIS A 313 -20.32 -23.15 -14.48
C HIS A 313 -21.82 -23.46 -14.43
N PRO A 314 -22.54 -23.37 -15.56
CA PRO A 314 -22.14 -23.07 -16.95
C PRO A 314 -22.42 -21.64 -17.37
N ASP A 315 -22.53 -20.72 -16.40
CA ASP A 315 -23.05 -19.38 -16.68
C ASP A 315 -22.23 -18.64 -17.72
N ALA A 316 -20.95 -18.93 -17.79
CA ALA A 316 -20.02 -18.14 -18.60
C ALA A 316 -19.60 -18.86 -19.88
N GLN A 317 -20.33 -19.91 -20.25
CA GLN A 317 -19.86 -20.72 -21.37
C GLN A 317 -19.82 -19.91 -22.67
N ASP A 318 -20.79 -19.05 -22.90
CA ASP A 318 -20.80 -18.28 -24.16
C ASP A 318 -19.67 -17.24 -24.19
N ILE A 319 -19.36 -16.64 -23.03
CA ILE A 319 -18.26 -15.70 -22.93
C ILE A 319 -16.97 -16.38 -23.33
N LEU A 320 -16.78 -17.61 -22.86
CA LEU A 320 -15.57 -18.35 -23.19
C LEU A 320 -15.53 -18.71 -24.67
N ASP A 321 -16.67 -19.09 -25.25
CA ASP A 321 -16.72 -19.41 -26.69
C ASP A 321 -16.38 -18.18 -27.54
N THR A 322 -16.88 -17.02 -27.14
CA THR A 322 -16.56 -15.77 -27.83
C THR A 322 -15.08 -15.46 -27.73
N LEU A 323 -14.51 -15.63 -26.54
CA LEU A 323 -13.07 -15.49 -26.38
C LEU A 323 -12.34 -16.37 -27.38
N GLU A 324 -12.73 -17.63 -27.49
CA GLU A 324 -12.02 -18.52 -28.43
C GLU A 324 -12.17 -18.06 -29.86
N ASP A 325 -13.37 -17.61 -30.26
CA ASP A 325 -13.56 -17.10 -31.63
C ASP A 325 -12.74 -15.84 -31.86
N ASN A 326 -12.68 -14.96 -30.86
CA ASN A 326 -11.91 -13.73 -31.05
C ASN A 326 -10.42 -14.01 -31.12
N ARG A 327 -9.96 -15.02 -30.37
CA ARG A 327 -8.57 -15.41 -30.51
C ARG A 327 -8.26 -15.79 -31.95
N GLU A 328 -9.21 -16.48 -32.58
CA GLU A 328 -8.99 -16.94 -33.96
C GLU A 328 -9.03 -15.79 -34.94
N TRP A 329 -9.82 -14.75 -34.66
CA TRP A 329 -9.77 -13.55 -35.47
C TRP A 329 -8.36 -12.95 -35.52
N TYR A 330 -7.73 -12.76 -34.36
CA TYR A 330 -6.42 -12.11 -34.38
C TYR A 330 -5.36 -13.06 -34.91
N GLN A 331 -5.51 -14.36 -34.65
CA GLN A 331 -4.60 -15.33 -35.25
C GLN A 331 -4.68 -15.26 -36.78
N SER A 332 -5.90 -15.20 -37.31
CA SER A 332 -6.09 -15.19 -38.75
CA SER A 332 -6.15 -15.17 -38.74
C SER A 332 -5.67 -13.89 -39.41
N THR A 333 -5.37 -12.85 -38.64
CA THR A 333 -4.93 -11.59 -39.22
C THR A 333 -3.46 -11.27 -38.89
N ILE A 334 -2.71 -12.19 -38.29
CA ILE A 334 -1.26 -11.95 -38.22
C ILE A 334 -0.72 -11.85 -39.65
N PRO A 335 0.02 -10.78 -40.00
CA PRO A 335 0.48 -10.69 -41.40
C PRO A 335 1.48 -11.82 -41.71
N GLN B 12 29.23 23.01 25.37
CA GLN B 12 30.64 22.61 25.34
C GLN B 12 30.89 21.45 24.37
N GLU B 13 31.65 21.72 23.31
CA GLU B 13 32.00 20.68 22.35
C GLU B 13 32.95 19.63 22.95
N ASP B 14 33.59 19.94 24.06
CA ASP B 14 34.41 18.95 24.76
C ASP B 14 33.55 17.78 25.24
N VAL B 15 32.50 18.08 26.01
CA VAL B 15 31.67 17.03 26.58
C VAL B 15 31.00 16.21 25.48
N LEU B 16 30.54 16.86 24.40
CA LEU B 16 29.85 16.18 23.31
C LEU B 16 30.72 15.08 22.70
N ALA B 17 31.95 15.43 22.30
CA ALA B 17 32.83 14.43 21.71
C ALA B 17 33.12 13.31 22.71
N LYS B 18 33.08 13.62 24.01
CA LYS B 18 33.32 12.56 24.98
C LYS B 18 32.15 11.59 24.99
N GLU B 19 30.91 12.11 24.88
CA GLU B 19 29.76 11.22 24.88
C GLU B 19 29.68 10.43 23.57
N LEU B 20 30.06 11.05 22.46
CA LEU B 20 30.08 10.35 21.18
C LEU B 20 31.10 9.23 21.15
N GLU B 21 31.98 9.14 22.15
CA GLU B 21 32.87 7.99 22.27
C GLU B 21 32.09 6.69 22.48
N ASP B 22 30.89 6.77 23.03
CA ASP B 22 30.08 5.60 23.31
C ASP B 22 29.19 5.18 22.13
N VAL B 23 29.45 5.73 20.93
CA VAL B 23 28.51 5.53 19.83
C VAL B 23 28.41 4.07 19.40
N ASN B 24 29.42 3.25 19.68
CA ASN B 24 29.31 1.83 19.34
C ASN B 24 28.77 0.96 20.48
N LYS B 25 28.27 1.56 21.55
CA LYS B 25 27.78 0.84 22.72
C LYS B 25 26.27 0.96 22.88
N TRP B 26 25.61 -0.14 23.25
CA TRP B 26 24.21 -0.07 23.65
C TRP B 26 24.08 0.85 24.86
N GLY B 27 23.12 1.76 24.81
CA GLY B 27 22.87 2.57 25.98
C GLY B 27 23.53 3.94 25.92
N LEU B 28 23.98 4.36 24.75
CA LEU B 28 24.45 5.73 24.55
C LEU B 28 23.51 6.74 25.19
N HIS B 29 24.07 7.79 25.81
CA HIS B 29 23.22 8.76 26.51
C HIS B 29 22.69 9.76 25.48
N VAL B 30 21.66 9.34 24.75
CA VAL B 30 21.18 10.13 23.61
C VAL B 30 20.54 11.44 24.07
N PHE B 31 19.95 11.47 25.26
CA PHE B 31 19.34 12.70 25.73
C PHE B 31 20.38 13.77 26.04
N ARG B 32 21.55 13.37 26.60
CA ARG B 32 22.63 14.32 26.81
C ARG B 32 23.15 14.88 25.50
N ILE B 33 23.35 14.00 24.52
CA ILE B 33 23.75 14.39 23.17
C ILE B 33 22.77 15.40 22.58
N ALA B 34 21.46 15.17 22.77
CA ALA B 34 20.48 16.13 22.26
C ALA B 34 20.67 17.50 22.89
N GLU B 35 20.82 17.55 24.21
CA GLU B 35 21.03 18.84 24.88
C GLU B 35 22.34 19.49 24.42
N LEU B 36 23.43 18.73 24.41
CA LEU B 36 24.75 19.30 24.12
C LEU B 36 24.88 19.79 22.68
N SER B 37 24.17 19.16 21.74
CA SER B 37 24.26 19.45 20.32
C SER B 37 23.33 20.56 19.88
N GLY B 38 22.61 21.17 20.81
CA GLY B 38 21.68 22.20 20.42
C GLY B 38 20.43 21.61 19.79
N ASN B 39 19.96 20.47 20.32
CA ASN B 39 18.84 19.70 19.76
C ASN B 39 19.14 19.20 18.35
N ARG B 40 20.35 18.74 18.13
CA ARG B 40 20.71 18.14 16.87
C ARG B 40 21.25 16.72 17.04
N PRO B 41 20.62 15.88 17.87
CA PRO B 41 21.17 14.51 18.03
C PRO B 41 21.18 13.70 16.75
N LEU B 42 20.18 13.85 15.88
CA LEU B 42 20.15 13.02 14.69
C LEU B 42 21.29 13.39 13.75
N THR B 43 21.58 14.69 13.62
CA THR B 43 22.67 15.13 12.74
C THR B 43 24.03 14.69 13.27
N VAL B 44 24.23 14.88 14.56
CA VAL B 44 25.50 14.54 15.20
C VAL B 44 25.75 13.04 15.14
N ILE B 45 24.75 12.25 15.55
CA ILE B 45 24.92 10.82 15.61
C ILE B 45 25.04 10.19 14.21
N MET B 46 24.20 10.63 13.22
CA MET B 46 24.37 10.14 11.85
C MET B 46 25.73 10.46 11.29
N HIS B 47 26.20 11.70 11.47
CA HIS B 47 27.52 12.06 10.97
C HIS B 47 28.61 11.20 11.59
N THR B 48 28.56 11.03 12.92
CA THR B 48 29.52 10.20 13.62
C THR B 48 29.53 8.78 13.07
N ILE B 49 28.35 8.20 12.85
CA ILE B 49 28.26 6.82 12.35
C ILE B 49 28.73 6.72 10.91
N PHE B 50 28.41 7.73 10.09
CA PHE B 50 28.88 7.68 8.70
C PHE B 50 30.39 7.78 8.65
N GLN B 51 30.97 8.64 9.50
CA GLN B 51 32.44 8.67 9.65
C GLN B 51 32.98 7.33 10.12
N GLU B 52 32.39 6.78 11.18
CA GLU B 52 32.86 5.53 11.80
C GLU B 52 32.89 4.39 10.79
N ARG B 53 31.87 4.28 9.95
CA ARG B 53 31.78 3.20 9.00
C ARG B 53 32.38 3.56 7.64
N ASP B 54 33.02 4.73 7.54
CA ASP B 54 33.69 5.16 6.31
C ASP B 54 32.71 5.22 5.13
N LEU B 55 31.47 5.61 5.43
CA LEU B 55 30.42 5.60 4.42
C LEU B 55 30.58 6.74 3.44
N LEU B 56 31.06 7.91 3.90
CA LEU B 56 31.24 9.05 2.99
C LEU B 56 32.24 8.74 1.90
N LYS B 57 33.28 7.96 2.20
CA LYS B 57 34.25 7.68 1.17
C LYS B 57 33.86 6.48 0.33
N THR B 58 33.14 5.52 0.91
CA THR B 58 32.71 4.39 0.09
C THR B 58 31.71 4.83 -0.96
N PHE B 59 30.87 5.82 -0.63
CA PHE B 59 29.78 6.24 -1.51
C PHE B 59 29.95 7.67 -1.99
N LYS B 60 31.16 8.22 -1.85
CA LYS B 60 31.50 9.49 -2.46
C LYS B 60 30.53 10.56 -2.01
N ILE B 61 30.11 10.48 -0.76
CA ILE B 61 29.14 11.44 -0.22
C ILE B 61 29.88 12.70 0.21
N PRO B 62 29.59 13.86 -0.39
CA PRO B 62 30.19 15.10 0.12
C PRO B 62 29.71 15.39 1.52
N VAL B 63 30.66 15.70 2.41
CA VAL B 63 30.34 15.89 3.82
C VAL B 63 29.32 17.02 3.99
N ASP B 64 29.45 18.07 3.19
CA ASP B 64 28.49 19.17 3.28
C ASP B 64 27.10 18.80 2.74
N THR B 65 27.04 17.93 1.73
CA THR B 65 25.76 17.40 1.29
C THR B 65 25.10 16.58 2.40
N LEU B 66 25.88 15.71 3.04
CA LEU B 66 25.37 14.91 4.15
C LEU B 66 24.82 15.80 5.26
N ILE B 67 25.59 16.81 5.67
CA ILE B 67 25.13 17.64 6.78
C ILE B 67 23.89 18.42 6.39
N THR B 68 23.81 18.83 5.12
CA THR B 68 22.65 19.62 4.74
C THR B 68 21.40 18.76 4.76
N TYR B 69 21.51 17.55 4.24
CA TYR B 69 20.36 16.64 4.28
C TYR B 69 19.96 16.31 5.72
N LEU B 70 20.94 16.00 6.56
CA LEU B 70 20.62 15.59 7.93
C LEU B 70 19.93 16.69 8.70
N MET B 71 20.34 17.94 8.49
CA MET B 71 19.71 19.04 9.21
CA MET B 71 19.71 19.04 9.20
C MET B 71 18.28 19.27 8.74
N THR B 72 18.03 19.18 7.43
CA THR B 72 16.65 19.34 6.94
C THR B 72 15.77 18.15 7.34
N LEU B 73 16.31 16.93 7.31
CA LEU B 73 15.60 15.76 7.87
C LEU B 73 15.24 15.98 9.34
N GLU B 74 16.23 16.33 10.16
CA GLU B 74 15.96 16.60 11.57
C GLU B 74 14.91 17.69 11.75
N ASP B 75 14.98 18.72 10.91
CA ASP B 75 13.97 19.78 10.93
C ASP B 75 12.56 19.25 10.67
N HIS B 76 12.44 18.15 9.95
CA HIS B 76 11.11 17.66 9.67
C HIS B 76 10.59 16.65 10.69
N TYR B 77 11.36 16.37 11.76
CA TYR B 77 10.77 15.79 12.97
C TYR B 77 10.24 16.94 13.82
N HIS B 78 9.10 16.71 14.45
CA HIS B 78 8.40 17.78 15.14
C HIS B 78 8.85 17.91 16.59
N ALA B 79 9.22 19.13 16.96
CA ALA B 79 9.71 19.36 18.32
C ALA B 79 8.62 19.20 19.36
N ASP B 80 7.36 19.46 19.01
CA ASP B 80 6.31 19.40 20.02
C ASP B 80 5.65 18.03 20.13
N VAL B 81 6.17 17.02 19.44
CA VAL B 81 5.72 15.64 19.58
C VAL B 81 6.65 14.96 20.59
N ALA B 82 6.08 14.47 21.71
CA ALA B 82 6.89 14.15 22.89
C ALA B 82 7.80 12.96 22.65
N TYR B 83 7.34 11.92 21.92
CA TYR B 83 8.13 10.71 21.68
C TYR B 83 8.67 10.62 20.26
N HIS B 84 7.79 10.79 19.26
CA HIS B 84 8.15 10.52 17.86
C HIS B 84 8.81 11.76 17.25
N ASN B 85 9.98 12.10 17.79
CA ASN B 85 10.72 13.26 17.37
C ASN B 85 12.16 12.86 16.99
N ASN B 86 13.03 13.83 16.81
CA ASN B 86 14.38 13.59 16.30
C ASN B 86 15.25 12.83 17.29
N ILE B 87 14.94 12.90 18.58
CA ILE B 87 15.70 12.10 19.54
C ILE B 87 15.40 10.61 19.35
N HIS B 88 14.13 10.28 19.16
CA HIS B 88 13.78 8.87 18.83
C HIS B 88 14.47 8.42 17.56
N ALA B 89 14.42 9.23 16.49
CA ALA B 89 15.15 8.86 15.28
C ALA B 89 16.62 8.59 15.58
N ALA B 90 17.28 9.51 16.28
CA ALA B 90 18.69 9.31 16.56
C ALA B 90 18.93 8.03 17.36
N ASP B 91 18.01 7.68 18.28
CA ASP B 91 18.14 6.48 19.08
C ASP B 91 18.01 5.23 18.22
N VAL B 92 17.02 5.20 17.31
CA VAL B 92 16.87 4.03 16.45
C VAL B 92 18.05 3.89 15.50
N VAL B 93 18.55 5.01 14.97
CA VAL B 93 19.78 4.99 14.16
C VAL B 93 20.94 4.36 14.93
N GLN B 94 21.18 4.83 16.13
CA GLN B 94 22.34 4.36 16.87
C GLN B 94 22.17 2.92 17.31
N SER B 95 20.94 2.56 17.66
CA SER B 95 20.71 1.14 18.00
C SER B 95 20.90 0.22 16.80
N THR B 96 20.38 0.60 15.63
CA THR B 96 20.62 -0.19 14.44
C THR B 96 22.10 -0.29 14.15
N HIS B 97 22.83 0.83 14.33
CA HIS B 97 24.29 0.84 14.15
C HIS B 97 24.98 -0.21 15.03
N VAL B 98 24.54 -0.34 16.28
CA VAL B 98 25.09 -1.36 17.16
C VAL B 98 24.72 -2.77 16.68
N LEU B 99 23.43 -3.00 16.34
CA LEU B 99 22.99 -4.33 15.94
C LEU B 99 23.64 -4.81 14.66
N LEU B 100 23.90 -3.89 13.73
CA LEU B 100 24.62 -4.26 12.51
C LEU B 100 25.97 -4.89 12.82
N SER B 101 26.59 -4.49 13.93
CA SER B 101 27.92 -5.01 14.22
C SER B 101 27.92 -6.26 15.10
N THR B 102 26.76 -6.90 15.29
CA THR B 102 26.70 -8.11 16.11
C THR B 102 27.57 -9.21 15.48
N PRO B 103 28.38 -9.92 16.28
CA PRO B 103 29.32 -10.90 15.69
C PRO B 103 28.67 -11.92 14.76
N ALA B 104 27.44 -12.37 15.03
CA ALA B 104 26.75 -13.35 14.22
C ALA B 104 26.53 -12.87 12.80
N LEU B 105 26.63 -11.56 12.57
CA LEU B 105 26.39 -11.00 11.25
C LEU B 105 27.66 -10.44 10.62
N GLU B 106 28.83 -10.82 11.14
CA GLU B 106 30.09 -10.29 10.64
CA GLU B 106 30.10 -10.30 10.64
C GLU B 106 30.24 -10.56 9.14
N ALA B 107 30.52 -9.51 8.39
CA ALA B 107 30.73 -9.56 6.94
C ALA B 107 29.55 -10.19 6.19
N VAL B 108 28.34 -10.17 6.76
CA VAL B 108 27.16 -10.68 6.05
C VAL B 108 26.64 -9.66 5.05
N PHE B 109 26.52 -8.40 5.46
CA PHE B 109 25.87 -7.37 4.68
C PHE B 109 26.86 -6.56 3.86
N THR B 110 26.41 -6.16 2.69
CA THR B 110 27.21 -5.27 1.88
C THR B 110 27.17 -3.86 2.45
N ASP B 111 28.10 -3.03 2.00
CA ASP B 111 28.07 -1.64 2.46
C ASP B 111 26.79 -0.94 2.06
N LEU B 112 26.20 -1.34 0.93
CA LEU B 112 24.94 -0.71 0.48
C LEU B 112 23.78 -1.12 1.38
N GLU B 113 23.74 -2.40 1.79
CA GLU B 113 22.75 -2.89 2.74
C GLU B 113 22.87 -2.19 4.08
N ILE B 114 24.12 -2.01 4.55
CA ILE B 114 24.36 -1.25 5.78
C ILE B 114 23.87 0.19 5.65
N LEU B 115 24.20 0.85 4.53
CA LEU B 115 23.73 2.20 4.28
C LEU B 115 22.20 2.27 4.25
N ALA B 116 21.55 1.26 3.65
CA ALA B 116 20.08 1.22 3.61
C ALA B 116 19.48 1.14 5.01
N ALA B 117 20.03 0.26 5.85
CA ALA B 117 19.49 0.07 7.19
C ALA B 117 19.62 1.32 8.04
N ILE B 118 20.75 2.02 7.95
CA ILE B 118 20.96 3.22 8.76
C ILE B 118 20.10 4.37 8.24
N PHE B 119 20.05 4.55 6.90
CA PHE B 119 19.18 5.58 6.32
C PHE B 119 17.71 5.34 6.65
N ALA B 120 17.25 4.10 6.49
CA ALA B 120 15.88 3.75 6.87
C ALA B 120 15.61 4.12 8.31
N SER B 121 16.55 3.81 9.21
CA SER B 121 16.35 4.16 10.60
C SER B 121 16.21 5.66 10.79
N ALA B 122 17.03 6.44 10.05
CA ALA B 122 17.01 7.89 10.25
C ALA B 122 15.70 8.53 9.80
N ILE B 123 15.11 8.01 8.71
CA ILE B 123 13.88 8.63 8.20
C ILE B 123 12.60 7.97 8.73
N HIS B 124 12.70 6.94 9.58
CA HIS B 124 11.59 5.97 9.67
C HIS B 124 10.36 6.54 10.34
N ASP B 125 10.48 7.66 11.07
CA ASP B 125 9.34 8.33 11.69
C ASP B 125 9.26 9.81 11.31
N VAL B 126 9.82 10.22 10.17
CA VAL B 126 9.88 11.66 9.91
C VAL B 126 8.48 12.24 9.69
N ASP B 127 8.29 13.47 10.20
CA ASP B 127 7.02 14.19 10.11
C ASP B 127 5.89 13.46 10.84
N HIS B 128 6.22 12.67 11.84
CA HIS B 128 5.20 11.99 12.61
C HIS B 128 4.31 12.99 13.34
N PRO B 129 2.98 12.87 13.25
CA PRO B 129 2.09 13.86 13.89
C PRO B 129 1.84 13.62 15.36
N GLY B 130 2.31 12.51 15.91
CA GLY B 130 2.04 12.20 17.29
C GLY B 130 0.75 11.46 17.55
N VAL B 131 0.10 10.95 16.52
CA VAL B 131 -1.10 10.15 16.70
C VAL B 131 -0.90 8.89 15.89
N SER B 132 -1.68 7.88 16.22
CA SER B 132 -1.53 6.57 15.61
C SER B 132 -2.20 6.45 14.24
N ASN B 133 -1.82 5.41 13.51
CA ASN B 133 -2.53 5.03 12.28
C ASN B 133 -4.02 4.85 12.55
N GLN B 134 -4.39 4.15 13.64
CA GLN B 134 -5.83 3.96 13.88
C GLN B 134 -6.54 5.30 14.09
N PHE B 135 -5.90 6.23 14.80
CA PHE B 135 -6.49 7.56 15.00
C PHE B 135 -6.69 8.24 13.67
N LEU B 136 -5.67 8.21 12.82
CA LEU B 136 -5.77 8.83 11.51
C LEU B 136 -6.87 8.21 10.67
N ILE B 137 -7.03 6.89 10.76
CA ILE B 137 -8.10 6.21 10.02
C ILE B 137 -9.46 6.62 10.58
N ASN B 138 -9.61 6.58 11.91
CA ASN B 138 -10.93 6.80 12.53
C ASN B 138 -11.40 8.24 12.45
N THR B 139 -10.49 9.20 12.31
CA THR B 139 -10.84 10.61 12.14
C THR B 139 -10.93 11.02 10.68
N ASN B 140 -10.83 10.08 9.73
CA ASN B 140 -10.99 10.39 8.30
C ASN B 140 -9.97 11.44 7.88
N SER B 141 -8.74 11.32 8.37
CA SER B 141 -7.68 12.25 8.08
C SER B 141 -7.30 12.22 6.60
N GLU B 142 -6.69 13.31 6.16
CA GLU B 142 -6.22 13.40 4.79
C GLU B 142 -5.13 12.39 4.53
N LEU B 143 -4.32 12.07 5.55
CA LEU B 143 -3.27 11.10 5.32
C LEU B 143 -3.85 9.71 5.09
N ALA B 144 -4.82 9.30 5.91
CA ALA B 144 -5.48 8.01 5.67
C ALA B 144 -6.24 7.98 4.35
N LEU B 145 -6.75 9.12 3.90
CA LEU B 145 -7.37 9.15 2.58
C LEU B 145 -6.32 8.97 1.48
N MET B 146 -5.17 9.59 1.60
CA MET B 146 -4.14 9.43 0.58
CA MET B 146 -4.13 9.44 0.59
C MET B 146 -3.66 7.98 0.52
N TYR B 147 -3.55 7.33 1.66
CA TYR B 147 -2.92 6.02 1.74
C TYR B 147 -3.88 4.84 1.93
N ASN B 148 -5.19 5.05 1.76
CA ASN B 148 -6.19 3.97 1.74
C ASN B 148 -6.08 3.12 2.98
N ASP B 149 -5.91 3.83 4.12
CA ASP B 149 -5.92 3.21 5.44
C ASP B 149 -4.83 2.15 5.66
N SER B 150 -3.82 2.03 4.79
CA SER B 150 -2.83 0.95 4.86
C SER B 150 -1.43 1.50 5.14
N SER B 151 -0.81 1.10 6.26
CA SER B 151 0.48 1.63 6.75
C SER B 151 0.58 3.15 6.48
N VAL B 152 -0.40 3.87 7.04
CA VAL B 152 -0.59 5.26 6.63
C VAL B 152 0.67 6.07 6.96
N LEU B 153 1.09 6.00 8.21
CA LEU B 153 2.24 6.79 8.65
C LEU B 153 3.51 6.32 7.98
N GLU B 154 3.70 5.00 7.88
CA GLU B 154 4.97 4.51 7.37
C GLU B 154 5.16 4.85 5.88
N ASN B 155 4.09 4.73 5.08
CA ASN B 155 4.17 5.22 3.72
C ASN B 155 4.56 6.70 3.70
N HIS B 156 3.96 7.51 4.58
CA HIS B 156 4.22 8.95 4.60
C HIS B 156 5.64 9.26 5.04
N HIS B 157 6.16 8.54 6.05
CA HIS B 157 7.55 8.76 6.45
C HIS B 157 8.49 8.52 5.28
N LEU B 158 8.25 7.46 4.52
CA LEU B 158 9.13 7.15 3.40
C LEU B 158 9.04 8.24 2.36
N ALA B 159 7.82 8.70 2.07
CA ALA B 159 7.66 9.68 1.00
C ALA B 159 8.36 10.99 1.38
N VAL B 160 8.20 11.41 2.64
CA VAL B 160 8.85 12.63 3.08
C VAL B 160 10.36 12.44 3.11
N GLY B 161 10.83 11.30 3.63
CA GLY B 161 12.27 11.10 3.73
C GLY B 161 12.98 11.10 2.38
N PHE B 162 12.39 10.44 1.37
CA PHE B 162 12.95 10.50 0.02
C PHE B 162 12.77 11.89 -0.60
N LYS B 163 11.57 12.49 -0.46
CA LYS B 163 11.33 13.83 -1.00
C LYS B 163 12.39 14.84 -0.58
N LEU B 164 12.88 14.74 0.67
CA LEU B 164 13.89 15.68 1.14
C LEU B 164 15.23 15.55 0.41
N LEU B 165 15.51 14.42 -0.22
CA LEU B 165 16.72 14.27 -1.03
C LEU B 165 16.71 15.23 -2.21
N GLN B 166 15.56 15.83 -2.52
CA GLN B 166 15.40 16.75 -3.65
C GLN B 166 15.65 18.21 -3.30
N GLU B 167 15.82 18.55 -2.02
CA GLU B 167 16.15 19.91 -1.62
C GLU B 167 17.58 20.26 -2.05
N GLU B 168 17.90 21.57 -2.02
CA GLU B 168 19.19 22.01 -2.55
C GLU B 168 20.36 21.40 -1.78
N ASN B 169 21.25 20.72 -2.51
CA ASN B 169 22.47 20.14 -1.96
C ASN B 169 22.13 19.08 -0.90
N CYS B 170 21.05 18.34 -1.11
CA CYS B 170 20.64 17.30 -0.18
C CYS B 170 20.72 15.90 -0.75
N ASP B 171 21.13 15.72 -2.02
CA ASP B 171 21.15 14.36 -2.57
C ASP B 171 22.39 13.65 -2.10
N ILE B 172 22.29 12.97 -0.95
CA ILE B 172 23.45 12.24 -0.48
C ILE B 172 23.75 11.04 -1.35
N PHE B 173 22.83 10.56 -2.19
CA PHE B 173 23.10 9.39 -3.00
C PHE B 173 23.51 9.72 -4.42
N GLN B 174 23.95 10.95 -4.66
CA GLN B 174 24.19 11.45 -6.02
C GLN B 174 25.27 10.66 -6.74
N ASN B 175 26.20 10.06 -6.01
CA ASN B 175 27.31 9.35 -6.62
C ASN B 175 27.16 7.83 -6.54
N LEU B 176 25.98 7.35 -6.14
CA LEU B 176 25.67 5.95 -6.37
C LEU B 176 25.28 5.77 -7.83
N THR B 177 25.56 4.59 -8.35
CA THR B 177 25.11 4.16 -9.67
C THR B 177 23.59 3.99 -9.68
N LYS B 178 22.99 3.97 -10.88
CA LYS B 178 21.54 3.74 -10.93
C LYS B 178 21.16 2.45 -10.23
N LYS B 179 21.87 1.35 -10.55
CA LYS B 179 21.60 0.07 -9.89
C LYS B 179 21.59 0.22 -8.37
N GLN B 180 22.60 0.92 -7.83
CA GLN B 180 22.70 1.03 -6.37
C GLN B 180 21.56 1.86 -5.80
N ARG B 181 21.24 2.98 -6.47
CA ARG B 181 20.12 3.82 -6.05
C ARG B 181 18.81 3.04 -6.08
N GLN B 182 18.56 2.27 -7.15
CA GLN B 182 17.35 1.46 -7.20
C GLN B 182 17.32 0.41 -6.09
N SER B 183 18.45 -0.28 -5.85
CA SER B 183 18.47 -1.29 -4.79
CA SER B 183 18.49 -1.29 -4.80
C SER B 183 18.30 -0.66 -3.42
N LEU B 184 18.99 0.45 -3.16
CA LEU B 184 18.84 1.13 -1.89
C LEU B 184 17.40 1.58 -1.66
N ARG B 185 16.78 2.21 -2.65
CA ARG B 185 15.40 2.66 -2.46
C ARG B 185 14.50 1.47 -2.10
N LYS B 186 14.65 0.33 -2.78
CA LYS B 186 13.78 -0.80 -2.50
C LYS B 186 14.01 -1.30 -1.07
N MET B 187 15.27 -1.43 -0.66
CA MET B 187 15.50 -1.97 0.68
C MET B 187 14.96 -1.04 1.73
N VAL B 188 15.10 0.27 1.51
CA VAL B 188 14.65 1.24 2.53
C VAL B 188 13.14 1.19 2.64
N ILE B 189 12.45 1.15 1.50
CA ILE B 189 11.01 0.98 1.55
C ILE B 189 10.64 -0.28 2.34
N ASP B 190 11.26 -1.42 1.97
CA ASP B 190 10.95 -2.68 2.64
C ASP B 190 11.16 -2.57 4.16
N ILE B 191 12.18 -1.82 4.58
CA ILE B 191 12.51 -1.73 6.01
C ILE B 191 11.51 -0.83 6.74
N VAL B 192 11.24 0.35 6.20
CA VAL B 192 10.37 1.26 6.94
C VAL B 192 8.95 0.73 6.97
N LEU B 193 8.50 0.05 5.90
CA LEU B 193 7.13 -0.49 5.97
C LEU B 193 7.01 -1.57 7.04
N ALA B 194 8.08 -2.28 7.32
CA ALA B 194 8.10 -3.30 8.36
C ALA B 194 8.07 -2.70 9.77
N THR B 195 8.16 -1.36 9.92
CA THR B 195 8.04 -0.76 11.25
C THR B 195 6.59 -0.50 11.66
N ASP B 196 5.63 -0.72 10.77
CA ASP B 196 4.21 -0.64 11.08
C ASP B 196 3.84 -1.75 12.07
N MET B 197 3.34 -1.36 13.26
CA MET B 197 3.07 -2.37 14.29
C MET B 197 1.99 -3.36 13.89
N SER B 198 1.14 -3.02 12.92
CA SER B 198 0.17 -4.03 12.51
C SER B 198 0.82 -5.19 11.78
N LYS B 199 2.08 -5.06 11.41
CA LYS B 199 2.77 -6.18 10.79
C LYS B 199 3.61 -6.97 11.78
N HIS B 200 3.58 -6.61 13.06
CA HIS B 200 4.51 -7.21 14.03
C HIS B 200 4.30 -8.72 14.16
N MET B 201 3.05 -9.17 14.36
CA MET B 201 2.90 -10.63 14.55
C MET B 201 3.32 -11.45 13.34
N ASN B 202 3.08 -10.95 12.13
CA ASN B 202 3.50 -11.71 10.95
C ASN B 202 5.01 -11.68 10.80
N LEU B 203 5.64 -10.52 11.06
CA LEU B 203 7.10 -10.45 11.06
C LEU B 203 7.69 -11.43 12.08
N LEU B 204 7.11 -11.44 13.29
CA LEU B 204 7.63 -12.33 14.33
C LEU B 204 7.42 -13.80 13.96
N ALA B 205 6.25 -14.14 13.45
CA ALA B 205 5.98 -15.53 13.08
C ALA B 205 7.01 -16.03 12.09
N ASP B 206 7.35 -15.19 11.10
CA ASP B 206 8.33 -15.59 10.11
C ASP B 206 9.74 -15.59 10.66
N LEU B 207 10.07 -14.61 11.54
CA LEU B 207 11.41 -14.63 12.13
C LEU B 207 11.64 -15.89 12.96
N LYS B 208 10.61 -16.34 13.68
CA LYS B 208 10.73 -17.58 14.44
C LYS B 208 11.04 -18.76 13.52
N THR B 209 10.39 -18.81 12.36
CA THR B 209 10.65 -19.90 11.41
C THR B 209 12.04 -19.79 10.80
N MET B 210 12.50 -18.56 10.52
CA MET B 210 13.87 -18.40 10.04
C MET B 210 14.88 -18.86 11.07
N VAL B 211 14.62 -18.60 12.37
CA VAL B 211 15.53 -19.08 13.42
C VAL B 211 15.58 -20.60 13.40
N GLU B 212 14.41 -21.24 13.25
CA GLU B 212 14.29 -22.69 13.34
C GLU B 212 15.17 -23.38 12.30
N THR B 213 15.31 -22.76 11.13
CA THR B 213 16.02 -23.34 9.99
C THR B 213 17.30 -22.59 9.64
N LYS B 214 17.83 -21.75 10.54
CA LYS B 214 18.97 -20.90 10.19
C LYS B 214 20.24 -21.71 9.89
N LYS B 215 21.06 -21.15 8.99
CA LYS B 215 22.34 -21.72 8.56
C LYS B 215 23.46 -20.81 9.02
N VAL B 216 24.51 -21.39 9.59
CA VAL B 216 25.65 -20.60 10.01
C VAL B 216 26.93 -21.20 9.45
N THR B 217 27.85 -20.32 9.02
CA THR B 217 29.17 -20.78 8.65
C THR B 217 29.73 -21.56 9.81
N SER B 218 30.75 -22.37 9.55
CA SER B 218 31.38 -22.85 10.75
C SER B 218 31.76 -21.68 11.63
N SER B 219 32.39 -20.62 11.20
CA SER B 219 32.79 -19.64 12.24
C SER B 219 31.59 -19.08 13.01
N GLY B 220 30.36 -19.58 12.86
CA GLY B 220 29.22 -19.08 13.62
C GLY B 220 28.51 -17.89 13.03
N VAL B 221 28.90 -17.46 11.85
CA VAL B 221 28.29 -16.31 11.19
C VAL B 221 27.11 -16.82 10.38
N LEU B 222 26.00 -16.08 10.43
CA LEU B 222 24.79 -16.51 9.73
C LEU B 222 25.02 -16.52 8.23
N LEU B 223 24.35 -17.45 7.54
CA LEU B 223 24.37 -17.55 6.10
CA LEU B 223 24.36 -17.56 6.09
C LEU B 223 23.01 -17.12 5.55
N LEU B 224 22.99 -16.01 4.80
CA LEU B 224 21.78 -15.46 4.20
C LEU B 224 21.97 -15.39 2.69
N ASP B 225 21.37 -16.34 1.97
CA ASP B 225 21.68 -16.61 0.57
C ASP B 225 21.04 -15.61 -0.39
N ASN B 226 19.76 -15.31 -0.20
CA ASN B 226 19.01 -14.52 -1.16
C ASN B 226 18.52 -13.21 -0.54
N TYR B 227 17.96 -12.36 -1.41
CA TYR B 227 17.45 -11.07 -0.95
C TYR B 227 16.38 -11.26 0.11
N SER B 228 15.50 -12.23 -0.07
CA SER B 228 14.39 -12.41 0.84
C SER B 228 14.89 -12.64 2.27
N ASP B 229 15.92 -13.47 2.44
CA ASP B 229 16.45 -13.76 3.78
C ASP B 229 17.20 -12.54 4.33
N ARG B 230 17.97 -11.87 3.45
CA ARG B 230 18.72 -10.69 3.88
C ARG B 230 17.77 -9.57 4.32
N ILE B 231 16.73 -9.29 3.52
CA ILE B 231 15.90 -8.14 3.88
C ILE B 231 15.09 -8.47 5.11
N GLN B 232 14.74 -9.73 5.30
CA GLN B 232 13.98 -10.14 6.49
C GLN B 232 14.80 -9.89 7.75
N VAL B 233 16.10 -10.15 7.69
CA VAL B 233 16.94 -9.83 8.85
C VAL B 233 17.04 -8.32 9.06
N LEU B 234 17.23 -7.51 8.00
CA LEU B 234 17.30 -6.08 8.20
C LEU B 234 15.95 -5.54 8.71
N GLN B 235 14.84 -6.08 8.22
CA GLN B 235 13.53 -5.62 8.69
C GLN B 235 13.39 -5.83 10.19
N ASN B 236 13.68 -7.04 10.62
CA ASN B 236 13.53 -7.35 12.03
C ASN B 236 14.56 -6.58 12.86
N MET B 237 15.73 -6.31 12.29
CA MET B 237 16.74 -5.64 13.09
C MET B 237 16.33 -4.19 13.35
N VAL B 238 15.78 -3.51 12.34
CA VAL B 238 15.32 -2.15 12.58
C VAL B 238 14.04 -2.13 13.44
N HIS B 239 13.15 -3.11 13.28
CA HIS B 239 11.98 -3.26 14.17
C HIS B 239 12.42 -3.46 15.64
N CYS B 240 13.47 -4.26 15.85
CA CYS B 240 14.05 -4.42 17.20
C CYS B 240 14.61 -3.10 17.73
N ALA B 241 15.35 -2.37 16.88
CA ALA B 241 15.87 -1.06 17.31
C ALA B 241 14.71 -0.08 17.65
N ASP B 242 13.62 -0.12 16.86
CA ASP B 242 12.47 0.70 17.15
C ASP B 242 11.82 0.34 18.46
N LEU B 243 11.88 -0.95 18.85
CA LEU B 243 11.28 -1.46 20.06
C LEU B 243 12.35 -1.74 21.10
N SER B 244 13.39 -0.91 21.14
CA SER B 244 14.50 -1.23 22.02
C SER B 244 14.48 -0.47 23.35
N ASN B 245 13.57 0.49 23.54
CA ASN B 245 13.61 1.28 24.77
C ASN B 245 13.63 0.42 26.04
N PRO B 246 12.79 -0.62 26.18
CA PRO B 246 12.80 -1.39 27.45
C PRO B 246 14.06 -2.22 27.67
N THR B 247 14.94 -2.30 26.69
CA THR B 247 16.19 -3.03 26.79
C THR B 247 17.34 -2.12 27.20
N LYS B 248 17.07 -0.85 27.42
CA LYS B 248 18.09 0.13 27.74
C LYS B 248 18.20 0.29 29.26
N PRO B 249 19.32 0.84 29.74
CA PRO B 249 19.42 1.15 31.17
C PRO B 249 18.20 1.92 31.65
N LEU B 250 17.79 1.62 32.88
CA LEU B 250 16.54 2.13 33.40
C LEU B 250 16.45 3.66 33.39
N GLN B 251 17.56 4.36 33.60
CA GLN B 251 17.50 5.81 33.55
C GLN B 251 17.07 6.31 32.16
N LEU B 252 17.50 5.62 31.09
CA LEU B 252 17.04 6.02 29.75
C LEU B 252 15.62 5.53 29.50
N TYR B 253 15.32 4.30 29.91
CA TYR B 253 14.00 3.72 29.64
C TYR B 253 12.91 4.53 30.32
N ARG B 254 13.16 5.01 31.54
CA ARG B 254 12.17 5.87 32.20
C ARG B 254 11.85 7.12 31.39
N GLN B 255 12.85 7.74 30.78
CA GLN B 255 12.58 8.94 30.01
C GLN B 255 11.76 8.63 28.76
N TRP B 256 12.05 7.49 28.10
CA TRP B 256 11.22 7.11 26.94
C TRP B 256 9.79 6.83 27.36
N THR B 257 9.61 6.16 28.49
CA THR B 257 8.26 5.88 28.97
C THR B 257 7.48 7.16 29.24
N ASP B 258 8.14 8.18 29.84
CA ASP B 258 7.46 9.47 30.07
C ASP B 258 6.99 10.08 28.78
N ARG B 259 7.84 10.07 27.77
CA ARG B 259 7.53 10.68 26.50
C ARG B 259 6.39 9.95 25.79
N ILE B 260 6.42 8.63 25.74
CA ILE B 260 5.34 7.96 25.00
C ILE B 260 4.02 8.15 25.75
N MET B 261 4.08 8.28 27.08
CA MET B 261 2.79 8.37 27.79
C MET B 261 2.21 9.76 27.57
N GLU B 262 3.08 10.77 27.52
CA GLU B 262 2.66 12.13 27.17
C GLU B 262 2.02 12.18 25.78
N GLU B 263 2.66 11.53 24.81
CA GLU B 263 2.12 11.54 23.46
C GLU B 263 0.76 10.86 23.40
N PHE B 264 0.67 9.65 23.97
CA PHE B 264 -0.59 8.92 24.06
C PHE B 264 -1.70 9.73 24.74
N PHE B 265 -1.38 10.34 25.89
CA PHE B 265 -2.41 11.08 26.60
C PHE B 265 -2.88 12.28 25.77
N ARG B 266 -1.99 12.89 24.99
CA ARG B 266 -2.43 13.96 24.13
C ARG B 266 -3.42 13.45 23.09
N GLN B 267 -3.16 12.27 22.54
CA GLN B 267 -4.09 11.68 21.56
C GLN B 267 -5.40 11.33 22.22
N GLY B 268 -5.33 10.78 23.43
CA GLY B 268 -6.56 10.46 24.16
C GLY B 268 -7.39 11.69 24.44
N ASP B 269 -6.73 12.83 24.73
CA ASP B 269 -7.47 14.06 24.98
C ASP B 269 -8.21 14.51 23.72
N ARG B 270 -7.57 14.37 22.55
CA ARG B 270 -8.27 14.69 21.30
C ARG B 270 -9.44 13.73 21.05
N GLU B 271 -9.25 12.46 21.37
CA GLU B 271 -10.35 11.49 21.27
C GLU B 271 -11.50 11.87 22.21
N ARG B 272 -11.16 12.24 23.45
CA ARG B 272 -12.19 12.67 24.41
C ARG B 272 -12.94 13.90 23.90
N GLU B 273 -12.20 14.93 23.46
CA GLU B 273 -12.81 16.12 22.86
C GLU B 273 -13.82 15.74 21.78
N ARG B 274 -13.48 14.76 20.93
CA ARG B 274 -14.22 14.39 19.73
C ARG B 274 -15.37 13.44 20.02
N GLY B 275 -15.55 13.00 21.26
CA GLY B 275 -16.57 12.04 21.58
C GLY B 275 -16.23 10.60 21.26
N MET B 276 -14.98 10.30 20.89
CA MET B 276 -14.63 8.93 20.52
C MET B 276 -14.27 8.10 21.75
N GLU B 277 -14.38 6.78 21.58
CA GLU B 277 -13.74 5.86 22.50
C GLU B 277 -12.26 6.24 22.64
N ILE B 278 -11.82 6.46 23.87
CA ILE B 278 -10.39 6.73 24.08
C ILE B 278 -9.62 5.43 23.86
N SER B 279 -8.57 5.50 23.02
CA SER B 279 -7.78 4.31 22.71
C SER B 279 -7.14 3.75 23.98
N PRO B 280 -6.88 2.44 24.02
CA PRO B 280 -6.21 1.87 25.19
C PRO B 280 -4.89 2.57 25.47
N MET B 281 -4.65 2.84 26.76
CA MET B 281 -3.44 3.48 27.27
C MET B 281 -3.35 4.95 26.91
N CYS B 282 -4.42 5.54 26.39
CA CYS B 282 -4.42 6.95 26.03
C CYS B 282 -5.23 7.81 26.99
N ASP B 283 -5.79 7.23 28.04
CA ASP B 283 -6.64 7.95 29.01
C ASP B 283 -5.83 8.35 30.24
N LYS B 284 -5.52 9.64 30.36
CA LYS B 284 -4.66 10.09 31.47
C LYS B 284 -5.27 9.82 32.84
N HIS B 285 -6.58 9.68 32.93
CA HIS B 285 -7.26 9.49 34.21
C HIS B 285 -7.30 8.06 34.67
N ASN B 286 -7.26 7.11 33.74
CA ASN B 286 -7.50 5.68 34.01
C ASN B 286 -6.46 4.85 33.28
N ALA B 287 -5.19 5.09 33.59
CA ALA B 287 -4.13 4.26 33.02
C ALA B 287 -3.13 3.97 34.11
N SER B 288 -2.57 2.75 34.13
CA SER B 288 -1.37 2.49 34.94
C SER B 288 -0.16 2.33 34.02
N VAL B 289 0.83 3.17 34.25
CA VAL B 289 2.06 3.10 33.47
C VAL B 289 2.77 1.77 33.71
N GLU B 290 2.91 1.38 34.99
CA GLU B 290 3.58 0.13 35.30
C GLU B 290 2.89 -1.05 34.63
N LYS B 291 1.57 -1.19 34.74
CA LYS B 291 0.96 -2.32 34.04
C LYS B 291 1.21 -2.24 32.57
N SER B 292 1.11 -1.02 32.04
CA SER B 292 1.19 -0.88 30.59
C SER B 292 2.56 -1.30 30.08
N GLN B 293 3.63 -0.87 30.73
CA GLN B 293 4.98 -1.33 30.34
C GLN B 293 5.15 -2.84 30.52
N VAL B 294 4.65 -3.40 31.63
CA VAL B 294 4.84 -4.83 31.83
C VAL B 294 4.10 -5.59 30.74
N GLY B 295 2.90 -5.12 30.38
CA GLY B 295 2.18 -5.78 29.29
C GLY B 295 2.88 -5.61 27.94
N PHE B 296 3.43 -4.43 27.69
CA PHE B 296 4.21 -4.14 26.47
C PHE B 296 5.39 -5.10 26.36
N ILE B 297 6.14 -5.28 27.46
CA ILE B 297 7.29 -6.16 27.41
C ILE B 297 6.83 -7.61 27.21
N ASP B 298 5.80 -8.02 27.97
CA ASP B 298 5.40 -9.42 27.97
C ASP B 298 4.83 -9.84 26.62
N TYR B 299 4.03 -8.99 26.01
CA TYR B 299 3.29 -9.37 24.80
C TYR B 299 3.94 -8.91 23.52
N ILE B 300 4.84 -7.92 23.55
CA ILE B 300 5.45 -7.43 22.31
CA ILE B 300 5.46 -7.45 22.29
C ILE B 300 6.98 -7.49 22.36
N VAL B 301 7.57 -6.77 23.32
CA VAL B 301 9.01 -6.51 23.27
C VAL B 301 9.82 -7.76 23.59
N HIS B 302 9.47 -8.45 24.63
CA HIS B 302 10.27 -9.63 24.94
C HIS B 302 10.09 -10.76 23.95
N PRO B 303 8.86 -11.03 23.46
CA PRO B 303 8.76 -12.08 22.41
C PRO B 303 9.66 -11.80 21.21
N LEU B 304 9.78 -10.52 20.82
CA LEU B 304 10.63 -10.13 19.70
C LEU B 304 12.11 -10.28 20.05
N TRP B 305 12.54 -9.69 21.16
CA TRP B 305 13.97 -9.76 21.48
C TRP B 305 14.43 -11.16 21.83
N GLU B 306 13.61 -12.00 22.47
CA GLU B 306 14.10 -13.35 22.72
C GLU B 306 14.28 -14.10 21.40
N THR B 307 13.52 -13.74 20.35
CA THR B 307 13.70 -14.37 19.04
C THR B 307 14.94 -13.83 18.33
N TRP B 308 15.14 -12.51 18.35
CA TRP B 308 16.41 -11.95 17.87
C TRP B 308 17.60 -12.59 18.62
N ALA B 309 17.46 -12.72 19.94
CA ALA B 309 18.57 -13.27 20.71
C ALA B 309 18.86 -14.71 20.27
N ASP B 310 17.81 -15.48 19.99
CA ASP B 310 17.98 -16.83 19.45
CA ASP B 310 18.01 -16.83 19.47
C ASP B 310 18.75 -16.79 18.15
N LEU B 311 18.42 -15.81 17.28
CA LEU B 311 19.05 -15.73 15.95
C LEU B 311 20.54 -15.48 16.07
N VAL B 312 20.96 -14.64 17.01
CA VAL B 312 22.35 -14.22 17.08
C VAL B 312 23.06 -14.81 18.30
N HIS B 313 22.49 -15.83 18.91
CA HIS B 313 22.97 -16.35 20.19
C HIS B 313 24.48 -16.58 20.18
N PRO B 314 25.22 -16.12 21.21
CA PRO B 314 24.76 -15.46 22.45
C PRO B 314 24.93 -13.95 22.41
N ASP B 315 24.98 -13.39 21.18
CA ASP B 315 25.40 -11.99 21.03
C ASP B 315 24.53 -11.03 21.82
N ALA B 316 23.22 -11.30 21.91
CA ALA B 316 22.28 -10.36 22.52
C ALA B 316 21.94 -10.70 23.99
N GLN B 317 22.73 -11.55 24.65
CA GLN B 317 22.31 -11.97 25.99
C GLN B 317 22.27 -10.80 26.97
N ASP B 318 23.22 -9.88 26.88
CA ASP B 318 23.21 -8.76 27.82
C ASP B 318 22.00 -7.86 27.57
N ILE B 319 21.62 -7.68 26.33
CA ILE B 319 20.42 -6.89 26.02
C ILE B 319 19.17 -7.56 26.61
N LEU B 320 19.04 -8.87 26.40
CA LEU B 320 17.90 -9.61 26.92
C LEU B 320 17.92 -9.61 28.44
N ASP B 321 19.10 -9.70 29.04
CA ASP B 321 19.17 -9.63 30.52
C ASP B 321 18.66 -8.29 31.04
N THR B 322 19.03 -7.17 30.38
CA THR B 322 18.53 -5.87 30.82
C THR B 322 17.03 -5.80 30.69
N LEU B 323 16.50 -6.29 29.55
CA LEU B 323 15.06 -6.30 29.34
C LEU B 323 14.36 -7.07 30.44
N GLU B 324 14.88 -8.25 30.77
CA GLU B 324 14.24 -9.05 31.82
C GLU B 324 14.35 -8.37 33.18
N ASP B 325 15.49 -7.73 33.46
CA ASP B 325 15.60 -6.99 34.72
C ASP B 325 14.62 -5.83 34.78
N ASN B 326 14.47 -5.11 33.67
CA ASN B 326 13.55 -3.98 33.67
C ASN B 326 12.12 -4.46 33.81
N ARG B 327 11.76 -5.63 33.26
CA ARG B 327 10.41 -6.16 33.43
C ARG B 327 10.15 -6.48 34.90
N GLU B 328 11.09 -7.15 35.54
CA GLU B 328 10.97 -7.51 36.94
C GLU B 328 10.92 -6.26 37.80
N TRP B 329 11.62 -5.21 37.37
CA TRP B 329 11.58 -3.96 38.10
C TRP B 329 10.21 -3.31 38.02
N TYR B 330 9.68 -3.14 36.80
CA TYR B 330 8.37 -2.49 36.63
C TYR B 330 7.22 -3.28 37.24
N GLN B 331 7.34 -4.61 37.35
CA GLN B 331 6.23 -5.38 37.90
C GLN B 331 6.27 -5.40 39.43
N SER B 332 7.39 -5.00 40.03
CA SER B 332 7.56 -5.20 41.47
C SER B 332 6.65 -4.31 42.32
N THR B 333 6.15 -3.18 41.81
CA THR B 333 5.18 -2.39 42.58
C THR B 333 3.73 -2.63 42.20
N ILE B 334 3.43 -3.63 41.40
CA ILE B 334 2.05 -3.98 41.10
C ILE B 334 1.64 -5.07 42.08
N PRO B 335 0.65 -4.85 42.96
CA PRO B 335 0.22 -5.96 43.83
C PRO B 335 -0.18 -7.19 43.03
N GLN B 336 0.25 -8.35 43.52
CA GLN B 336 0.04 -9.62 42.85
C GLN B 336 -0.25 -10.72 43.87
N ALA B 337 -1.09 -11.67 43.47
CA ALA B 337 -1.29 -12.87 44.25
C ALA B 337 0.00 -13.69 44.20
N HIS B 338 0.48 -14.15 45.35
CA HIS B 338 1.82 -14.68 45.42
C HIS B 338 1.76 -16.21 45.25
C15 S8Q C . 1.13 -2.12 -19.04
C17 S8Q C . 2.59 -1.26 -20.99
C20 S8Q C . 3.28 -5.34 -18.86
C21 S8Q C . 1.26 -4.34 -20.02
C22 S8Q C . -4.02 -4.68 -22.38
C26 S8Q C . -1.62 -6.58 -23.78
C28 S8Q C . -1.43 -6.51 -26.15
C01 S8Q C . -7.54 -5.03 -25.71
C03 S8Q C . -5.84 -4.94 -23.99
C04 S8Q C . -6.72 -4.39 -23.09
C05 S8Q C . -6.24 -4.00 -21.83
C06 S8Q C . -4.90 -4.12 -21.45
C07 S8Q C . -4.43 -3.64 -20.07
C08 S8Q C . -5.17 -2.47 -19.40
C11 S8Q C . -1.41 -5.15 -18.84
C12 S8Q C . -0.79 -3.76 -18.61
C16 S8Q C . 2.56 -1.90 -19.59
C19 S8Q C . 2.80 -4.32 -19.89
C23 S8Q C . -4.50 -5.07 -23.63
C25 S8Q C . -2.30 -5.27 -24.31
C27 S8Q C . -1.33 -7.39 -25.12
C29 S8Q C . -1.62 -5.02 -25.48
N09 S8Q C . -3.44 -4.07 -19.41
N14 S8Q C . 0.51 -3.43 -19.19
O02 S8Q C . -6.24 -5.36 -25.27
O10 S8Q C . -2.54 -5.11 -19.72
O13 S8Q C . -1.33 -2.95 -17.95
O18 S8Q C . 3.39 -3.06 -19.59
O24 S8Q C . -3.63 -5.62 -24.58
ZN ZN D . -9.12 -0.68 -15.89
MG MG E . -6.21 0.12 -13.71
MG MG F . -32.98 -7.48 -2.49
MG MG G . -28.79 12.14 6.13
MG MG H . -15.81 -20.98 1.96
MG MG I . 15.09 -3.20 -35.67
C1 EDO J . 4.95 -2.75 -10.17
O1 EDO J . 3.67 -2.05 -10.16
C2 EDO J . 5.48 -2.70 -11.60
O2 EDO J . 4.41 -3.03 -12.50
C1 EDO K . -8.18 -2.39 3.04
O1 EDO K . -8.06 -3.68 3.66
C2 EDO K . -7.91 -1.27 4.03
O2 EDO K . -8.91 -1.39 5.06
C1 EDO L . -11.56 -23.17 2.64
O1 EDO L . -11.17 -24.13 1.65
C2 EDO L . -11.43 -21.81 1.99
O2 EDO L . -11.82 -21.98 0.62
C1 EDO M . -12.29 -0.98 -35.23
O1 EDO M . -13.40 -0.31 -34.60
C2 EDO M . -12.76 -1.34 -36.63
O2 EDO M . -14.03 -2.03 -36.54
C1 EDO N . 5.98 -2.46 -36.71
O1 EDO N . 5.62 -3.64 -37.43
C2 EDO N . 4.75 -1.58 -36.52
O2 EDO N . 4.58 -0.76 -37.69
C1 EDO O . -20.95 -1.15 -31.13
O1 EDO O . -19.96 -2.04 -31.65
C2 EDO O . -20.21 0.11 -30.72
O2 EDO O . -20.84 0.54 -29.53
C1 EDO P . 1.81 -11.64 -24.18
O1 EDO P . 1.10 -10.78 -25.09
C2 EDO P . 1.20 -11.60 -22.77
O2 EDO P . 1.10 -10.22 -22.41
C15 S8Q Q . -0.62 3.39 19.06
C17 S8Q Q . -1.69 5.09 20.57
C20 S8Q Q . -2.78 1.23 21.99
C21 S8Q Q . -0.62 1.60 20.73
C22 S8Q Q . 5.21 1.96 23.05
C26 S8Q Q . 2.79 0.66 26.31
C28 S8Q Q . 2.86 2.96 26.83
C01 S8Q Q . 8.46 3.29 26.23
C03 S8Q Q . 6.91 2.49 24.64
C04 S8Q Q . 7.72 2.91 23.58
C05 S8Q Q . 7.27 2.87 22.26
C06 S8Q Q . 5.99 2.40 22.00
C07 S8Q Q . 5.39 2.30 20.58
C08 S8Q Q . 5.95 3.13 19.40
C11 S8Q Q . 2.32 0.84 19.71
C12 S8Q Q . 1.44 1.97 19.16
C16 S8Q Q . -1.95 3.89 19.66
C19 S8Q Q . -1.86 2.26 21.32
C23 S8Q Q . 5.65 2.01 24.37
C25 S8Q Q . 3.54 1.45 25.15
C27 S8Q Q . 2.39 1.79 27.35
C29 S8Q Q . 3.00 2.68 25.21
N09 S8Q Q . 4.42 1.50 20.50
N14 S8Q Q . 0.09 2.29 19.66
O02 S8Q Q . 7.32 2.52 25.98
O10 S8Q Q . 3.65 1.20 19.36
O13 S8Q Q . 1.89 2.62 18.28
O18 S8Q Q . -2.67 2.93 20.40
O24 S8Q Q . 4.88 1.62 25.49
ZN ZN R . 9.82 4.63 15.57
MG MG S . 6.84 4.54 13.31
MG MG T . 9.80 10.04 36.27
MG MG U . 7.58 -14.67 27.32
C1 EDO V . 9.36 -2.17 -2.22
O1 EDO V . 9.49 -3.56 -2.56
C2 EDO V . 8.78 -1.43 -3.41
O2 EDO V . 9.73 -1.60 -4.47
C1 EDO W . 28.12 2.25 27.87
O1 EDO W . 26.81 1.65 27.73
C2 EDO W . 28.01 3.59 28.58
O2 EDO W . 27.21 4.47 27.79
C1 EDO X . 6.15 -18.51 9.57
O1 EDO X . 6.48 -19.90 9.37
C2 EDO X . 4.66 -18.28 9.32
O2 EDO X . 4.36 -16.88 9.32
C1 EDO Y . 3.18 18.63 15.25
O1 EDO Y . 3.21 19.65 14.25
C2 EDO Y . 1.82 17.93 15.30
O2 EDO Y . 1.28 17.74 13.97
C1 EDO Z . -3.27 14.55 13.21
O1 EDO Z . -2.65 15.84 13.23
C2 EDO Z . -4.28 14.49 12.07
O2 EDO Z . -3.60 14.84 10.84
C1 EDO AA . 28.81 -9.00 1.98
O1 EDO AA . 30.00 -8.25 1.65
C2 EDO AA . 28.68 -10.18 1.02
O2 EDO AA . 29.89 -10.96 1.10
C1 EDO BA . 21.67 -8.87 34.97
O1 EDO BA . 21.87 -7.73 34.10
C2 EDO BA . 22.39 -10.10 34.43
O2 EDO BA . 21.68 -11.28 34.84
#